data_3LMY
#
_entry.id   3LMY
#
_cell.length_a   113.898
_cell.length_b   113.898
_cell.length_c   397.427
_cell.angle_alpha   90.00
_cell.angle_beta   90.00
_cell.angle_gamma   120.00
#
_symmetry.space_group_name_H-M   'P 61 2 2'
#
loop_
_entity.id
_entity.type
_entity.pdbx_description
1 polymer 'Beta-hexosaminidase subunit beta'
2 branched beta-D-mannopyranose-(1-4)-2-acetamido-2-deoxy-beta-D-glucopyranose-(1-4)-2-acetamido-2-deoxy-beta-D-glucopyranose
3 branched 2-acetamido-2-deoxy-beta-D-glucopyranose-(1-4)-2-acetamido-2-deoxy-beta-D-glucopyranose
4 non-polymer 2-acetamido-2-deoxy-alpha-D-glucopyranose
5 non-polymer 2-acetamido-2-deoxy-beta-D-glucopyranose
6 non-polymer 5-(4-CHLORO-PHENYL)-6-ETHYL-PYRIMIDINE-2,4-DIAMINE
7 non-polymer 'SULFATE ION'
8 water water
#
_entity_poly.entity_id   1
_entity_poly.type   'polypeptide(L)'
_entity_poly.pdbx_seq_one_letter_code
;MELCGLGLPRPPMLLALLLATLLAAMLALLTQVALVVQVAEAARAPSVSAKPGPALWPLPLSVKMTPNLLHLAPENFYIS
HSPNSTAGPSCTLLEEAFRRYHGYIFGFYKWHHEPAEFQAKTQVQQLLVSITLQSECDAFPNISSDESYTLLVKEPVAVL
KANRVWGALRGLETFSQLVYQDSYGTFTINESTIIDSPRFSHRGILIDTSRHYLPVKIILKTLDAMAFNKFNVLHWHIVD
DQSFPYQSITFPELSNKGSYSLSHVYTPNDVRMVIEYARLRGIRVLPEFDTPGHTLSWGKGQKDLLTPCYSRQNKLDSFG
PINPTLNTTYSFLTTFFKEISEVFPDQFIHLGGDEVEFKCWESNPKIQDFMRQKGFGTDFKKLESFYIQKVLDIIATINK
GSIVWQEVFDDKAKLAPGTIVEVWKDSAYPEELSRVTASGFPVILSAPWYLDLISYGQDWRKYYKVEPLDFGGTQKQKQL
FIGGEACLWGEYVDATNLTPRLWPRASAVGERLWSSKDVRDMDDAYDRLTRHRCRMVERGIAAQPLYAGYCNHENM
;
_entity_poly.pdbx_strand_id   A,B
#
# COMPACT_ATOMS: atom_id res chain seq x y z
N PRO A 54 28.26 19.23 2.85
CA PRO A 54 27.64 18.06 2.15
C PRO A 54 28.53 16.79 2.12
N ALA A 55 28.04 15.72 2.77
CA ALA A 55 28.64 14.39 2.76
C ALA A 55 28.05 13.50 1.65
N LEU A 56 28.89 12.94 0.78
CA LEU A 56 28.36 12.08 -0.28
C LEU A 56 28.62 10.58 -0.09
N TRP A 57 27.57 9.79 -0.21
CA TRP A 57 27.75 8.36 -0.03
C TRP A 57 26.72 7.53 -0.83
N PRO A 58 27.22 6.64 -1.71
CA PRO A 58 28.61 6.52 -2.09
C PRO A 58 28.97 7.75 -2.89
N LEU A 59 30.28 7.96 -2.99
CA LEU A 59 30.87 9.07 -3.67
C LEU A 59 30.70 8.90 -5.18
N PRO A 60 29.97 9.85 -5.86
CA PRO A 60 29.68 9.74 -7.33
C PRO A 60 30.97 9.67 -8.14
N LEU A 61 30.90 9.13 -9.35
CA LEU A 61 32.06 8.98 -10.22
C LEU A 61 32.82 10.29 -10.48
N SER A 62 32.11 11.37 -10.73
CA SER A 62 32.74 12.65 -10.99
C SER A 62 32.03 13.81 -10.29
N VAL A 63 32.75 14.54 -9.48
CA VAL A 63 32.13 15.65 -8.80
C VAL A 63 32.91 16.93 -9.03
N LYS A 64 32.29 17.95 -9.64
CA LYS A 64 32.97 19.24 -9.80
C LYS A 64 32.20 20.37 -9.12
N MET A 65 32.72 20.90 -8.00
CA MET A 65 32.01 21.94 -7.21
C MET A 65 32.58 23.31 -7.45
N THR A 66 31.80 24.36 -7.24
CA THR A 66 32.36 25.70 -7.30
C THR A 66 32.12 26.30 -5.94
N PRO A 67 32.77 27.44 -5.63
CA PRO A 67 32.48 28.09 -4.35
C PRO A 67 31.25 28.98 -4.34
N ASN A 68 30.49 29.04 -5.43
CA ASN A 68 29.22 29.78 -5.41
C ASN A 68 28.13 29.01 -4.74
N LEU A 69 27.60 29.63 -3.67
CA LEU A 69 26.49 29.10 -2.87
C LEU A 69 25.14 29.57 -3.35
N LEU A 70 24.20 28.64 -3.42
CA LEU A 70 22.84 28.98 -3.76
C LEU A 70 21.94 28.57 -2.59
N HIS A 71 20.75 29.17 -2.51
CA HIS A 71 19.81 28.90 -1.40
C HIS A 71 18.49 28.34 -1.89
N LEU A 72 17.80 27.64 -1.00
CA LEU A 72 16.54 27.03 -1.37
C LEU A 72 15.48 27.42 -0.39
N ALA A 73 14.27 27.65 -0.91
CA ALA A 73 13.12 28.03 -0.08
C ALA A 73 12.08 26.89 -0.02
N PRO A 74 12.01 26.22 1.14
CA PRO A 74 11.12 25.08 1.31
C PRO A 74 9.75 25.30 0.68
N GLU A 75 9.09 26.41 1.00
CA GLU A 75 7.69 26.52 0.64
C GLU A 75 7.61 27.06 -0.78
N ASN A 76 8.66 26.83 -1.56
CA ASN A 76 8.88 27.56 -2.79
C ASN A 76 9.86 26.88 -3.77
N PHE A 77 10.12 25.59 -3.55
CA PHE A 77 11.07 24.88 -4.38
C PHE A 77 10.41 23.63 -4.97
N TYR A 78 10.35 23.50 -6.31
CA TYR A 78 9.73 22.31 -6.91
C TYR A 78 10.73 21.42 -7.54
N ILE A 79 10.46 20.12 -7.49
CA ILE A 79 11.06 19.21 -8.43
C ILE A 79 9.96 18.82 -9.39
N SER A 80 10.24 18.89 -10.70
CA SER A 80 9.29 18.49 -11.76
C SER A 80 9.91 18.04 -13.10
N HIS A 81 9.07 17.78 -14.08
CA HIS A 81 9.55 17.21 -15.33
C HIS A 81 9.90 18.33 -16.25
N SER A 82 11.11 18.30 -16.82
CA SER A 82 11.44 19.26 -17.86
C SER A 82 10.50 19.05 -19.06
N PRO A 83 10.14 20.12 -19.80
CA PRO A 83 9.13 19.87 -20.83
C PRO A 83 9.55 18.80 -21.88
N ASN A 84 10.85 18.64 -22.11
CA ASN A 84 11.37 17.62 -23.01
C ASN A 84 11.48 16.20 -22.43
N SER A 85 11.42 16.02 -21.11
CA SER A 85 11.44 14.66 -20.52
C SER A 85 10.43 13.71 -21.16
N THR A 86 10.77 12.44 -21.23
CA THR A 86 9.85 11.45 -21.77
C THR A 86 8.88 10.96 -20.69
N ALA A 87 9.13 11.35 -19.44
CA ALA A 87 8.19 11.08 -18.36
C ALA A 87 7.45 12.36 -18.00
N GLY A 88 6.19 12.19 -17.61
CA GLY A 88 5.37 13.29 -17.09
C GLY A 88 4.53 12.88 -15.90
N PRO A 89 3.56 13.72 -15.51
CA PRO A 89 2.81 13.56 -14.24
C PRO A 89 2.22 12.17 -14.04
N SER A 90 1.62 11.61 -15.10
CA SER A 90 1.05 10.25 -15.11
C SER A 90 2.02 9.19 -14.59
N CYS A 91 3.28 9.55 -14.40
CA CYS A 91 4.32 8.60 -14.02
C CYS A 91 4.57 8.46 -12.49
N THR A 92 3.84 7.54 -11.87
CA THR A 92 3.87 7.39 -10.40
C THR A 92 5.26 7.34 -9.79
N LEU A 93 6.13 6.54 -10.39
CA LEU A 93 7.39 6.23 -9.73
C LEU A 93 8.14 7.55 -9.49
N LEU A 94 8.18 8.37 -10.54
CA LEU A 94 8.78 9.70 -10.47
C LEU A 94 7.99 10.66 -9.59
N GLU A 95 6.67 10.65 -9.72
CA GLU A 95 5.85 11.48 -8.86
C GLU A 95 6.12 11.20 -7.38
N GLU A 96 6.11 9.95 -6.98
CA GLU A 96 6.29 9.63 -5.57
C GLU A 96 7.70 10.02 -5.07
N ALA A 97 8.72 9.68 -5.85
CA ALA A 97 10.08 10.19 -5.61
C ALA A 97 10.11 11.70 -5.36
N PHE A 98 9.53 12.49 -6.27
CA PHE A 98 9.59 13.95 -6.14
C PHE A 98 9.07 14.30 -4.74
N ARG A 99 7.91 13.76 -4.36
CA ARG A 99 7.38 14.11 -3.06
C ARG A 99 8.27 13.64 -1.90
N ARG A 100 8.77 12.40 -1.94
CA ARG A 100 9.48 11.90 -0.76
C ARG A 100 10.83 12.58 -0.53
N TYR A 101 11.50 12.93 -1.64
CA TYR A 101 12.73 13.71 -1.60
C TYR A 101 12.60 15.15 -1.20
N HIS A 102 11.51 15.79 -1.63
CA HIS A 102 11.20 17.07 -1.12
C HIS A 102 11.29 17.05 0.40
N GLY A 103 10.62 16.07 1.01
CA GLY A 103 10.69 15.84 2.43
C GLY A 103 12.09 15.64 2.95
N TYR A 104 12.83 14.67 2.40
CA TYR A 104 14.25 14.48 2.80
C TYR A 104 15.08 15.78 2.81
N ILE A 105 15.10 16.50 1.70
CA ILE A 105 15.75 17.80 1.58
C ILE A 105 15.43 18.83 2.68
N PHE A 106 14.22 18.86 3.21
CA PHE A 106 13.86 19.81 4.25
C PHE A 106 13.22 18.95 5.33
N THR A 122 21.15 34.23 -6.07
CA THR A 122 21.53 33.11 -5.21
C THR A 122 20.41 32.07 -5.07
N GLN A 123 19.29 32.19 -5.79
CA GLN A 123 18.22 31.23 -5.57
C GLN A 123 18.18 30.02 -6.51
N VAL A 124 17.87 28.85 -5.99
CA VAL A 124 17.45 27.75 -6.84
C VAL A 124 15.95 27.57 -6.67
N GLN A 125 15.23 27.89 -7.75
CA GLN A 125 13.75 27.77 -7.76
C GLN A 125 13.23 26.34 -7.86
N GLN A 126 14.05 25.45 -8.44
CA GLN A 126 13.55 24.24 -9.07
C GLN A 126 14.60 23.26 -9.46
N LEU A 127 14.21 21.98 -9.45
CA LEU A 127 15.03 20.93 -10.04
C LEU A 127 14.23 20.23 -11.13
N LEU A 128 14.59 20.50 -12.39
CA LEU A 128 14.01 19.80 -13.53
C LEU A 128 14.66 18.44 -13.76
N VAL A 129 13.81 17.48 -14.09
CA VAL A 129 14.22 16.10 -14.25
C VAL A 129 13.90 15.73 -15.66
N SER A 130 14.94 15.35 -16.38
CA SER A 130 14.74 15.01 -17.77
C SER A 130 15.14 13.57 -18.01
N ILE A 131 14.15 12.74 -18.35
CA ILE A 131 14.38 11.35 -18.79
C ILE A 131 14.53 11.32 -20.30
N THR A 132 15.70 10.91 -20.78
CA THR A 132 16.10 10.98 -22.20
C THR A 132 15.54 9.86 -23.09
N LEU A 133 15.63 8.60 -22.65
CA LEU A 133 15.16 7.46 -23.46
C LEU A 133 13.81 7.11 -22.90
N GLN A 134 13.18 6.04 -23.37
CA GLN A 134 11.89 5.62 -22.79
C GLN A 134 12.03 5.31 -21.33
N SER A 135 11.20 5.94 -20.49
CA SER A 135 11.46 6.07 -19.06
C SER A 135 11.50 4.74 -18.28
N GLU A 136 10.86 3.72 -18.84
CA GLU A 136 10.64 2.49 -18.13
C GLU A 136 9.91 2.67 -16.78
N CYS A 137 9.03 3.66 -16.63
CA CYS A 137 8.28 3.95 -15.37
C CYS A 137 7.60 2.77 -14.85
N ASP A 138 7.05 1.98 -15.75
CA ASP A 138 6.10 0.99 -15.34
C ASP A 138 6.74 -0.37 -15.25
N ALA A 139 8.05 -0.45 -15.49
CA ALA A 139 8.74 -1.73 -15.49
C ALA A 139 9.41 -2.04 -14.14
N PHE A 140 9.94 -3.26 -14.01
CA PHE A 140 10.80 -3.59 -12.88
C PHE A 140 12.26 -3.41 -13.25
N PRO A 141 13.08 -2.95 -12.30
CA PRO A 141 14.49 -2.92 -12.67
C PRO A 141 14.99 -4.33 -12.99
N ASN A 142 15.88 -4.47 -13.98
CA ASN A 142 16.65 -5.69 -14.07
C ASN A 142 18.15 -5.48 -14.18
N ILE A 143 18.86 -6.60 -14.28
CA ILE A 143 20.30 -6.66 -14.14
C ILE A 143 21.00 -5.54 -14.91
N SER A 144 20.45 -5.20 -16.06
CA SER A 144 21.18 -4.30 -16.90
C SER A 144 20.45 -2.96 -17.03
N SER A 145 19.61 -2.66 -16.05
CA SER A 145 18.99 -1.35 -16.01
C SER A 145 20.05 -0.23 -16.01
N ASP A 146 19.73 0.87 -16.70
CA ASP A 146 20.62 2.00 -16.83
C ASP A 146 20.48 2.98 -15.63
N GLU A 147 21.52 3.03 -14.81
CA GLU A 147 21.45 3.77 -13.59
C GLU A 147 22.15 5.10 -13.68
N SER A 148 22.82 5.36 -14.79
CA SER A 148 23.58 6.64 -14.97
C SER A 148 22.75 7.94 -14.90
N TYR A 149 23.35 9.03 -14.47
CA TYR A 149 22.63 10.30 -14.50
C TYR A 149 23.69 11.42 -14.50
N THR A 150 23.23 12.66 -14.71
CA THR A 150 24.05 13.84 -14.43
C THR A 150 23.20 14.88 -13.74
N LEU A 151 23.91 15.73 -13.01
CA LEU A 151 23.33 16.75 -12.17
C LEU A 151 24.06 18.04 -12.41
N LEU A 152 23.36 19.02 -12.97
CA LEU A 152 23.90 20.37 -13.12
C LEU A 152 23.23 21.27 -12.13
N VAL A 153 23.94 21.56 -11.05
CA VAL A 153 23.39 22.42 -10.00
C VAL A 153 23.67 23.89 -10.25
N LYS A 154 22.66 24.58 -10.77
CA LYS A 154 22.78 25.97 -11.20
C LYS A 154 21.53 26.75 -10.88
N GLU A 155 21.70 28.05 -10.77
CA GLU A 155 20.66 29.04 -10.61
C GLU A 155 20.12 29.51 -11.97
N PRO A 156 18.82 29.74 -12.10
CA PRO A 156 17.77 29.53 -11.13
C PRO A 156 17.20 28.09 -11.18
N VAL A 157 17.47 27.33 -12.24
CA VAL A 157 16.86 26.01 -12.37
C VAL A 157 17.95 24.93 -12.43
N ALA A 158 18.00 24.02 -11.45
CA ALA A 158 18.97 22.91 -11.54
C ALA A 158 18.41 21.77 -12.44
N VAL A 159 19.30 20.90 -12.94
CA VAL A 159 18.86 19.85 -13.87
C VAL A 159 19.38 18.47 -13.54
N LEU A 160 18.46 17.51 -13.44
CA LEU A 160 18.83 16.10 -13.31
C LEU A 160 18.43 15.41 -14.61
N LYS A 161 19.43 14.80 -15.25
CA LYS A 161 19.29 14.26 -16.60
C LYS A 161 19.69 12.79 -16.56
N ALA A 162 18.79 11.90 -16.96
CA ALA A 162 19.06 10.47 -16.91
C ALA A 162 18.43 9.78 -18.11
N ASN A 163 19.04 8.69 -18.54
CA ASN A 163 18.42 7.90 -19.61
C ASN A 163 17.06 7.33 -19.24
N ARG A 164 16.92 6.98 -17.96
CA ARG A 164 15.84 6.16 -17.49
C ARG A 164 15.56 6.60 -16.10
N VAL A 165 14.30 6.52 -15.75
CA VAL A 165 13.84 6.47 -14.40
C VAL A 165 14.88 5.96 -13.36
N TRP A 166 15.60 4.87 -13.62
CA TRP A 166 16.56 4.35 -12.60
C TRP A 166 17.67 5.34 -12.30
N GLY A 167 18.22 5.97 -13.34
CA GLY A 167 19.19 7.05 -13.17
C GLY A 167 18.62 8.19 -12.32
N ALA A 168 17.41 8.62 -12.70
CA ALA A 168 16.78 9.71 -12.01
C ALA A 168 16.69 9.43 -10.51
N LEU A 169 16.22 8.22 -10.14
CA LEU A 169 16.16 7.86 -8.73
C LEU A 169 17.51 7.97 -8.06
N ARG A 170 18.57 7.39 -8.65
CA ARG A 170 19.90 7.61 -8.05
C ARG A 170 20.24 9.10 -7.85
N GLY A 171 20.18 9.88 -8.93
CA GLY A 171 20.43 11.34 -8.94
C GLY A 171 19.69 12.10 -7.85
N LEU A 172 18.39 11.87 -7.73
CA LEU A 172 17.63 12.46 -6.63
C LEU A 172 18.28 12.22 -5.27
N GLU A 173 18.74 11.00 -5.04
CA GLU A 173 19.42 10.74 -3.77
C GLU A 173 20.68 11.65 -3.64
N THR A 174 21.46 11.75 -4.72
CA THR A 174 22.69 12.53 -4.71
C THR A 174 22.34 14.00 -4.46
N PHE A 175 21.35 14.49 -5.19
CA PHE A 175 20.94 15.87 -4.95
C PHE A 175 20.60 16.09 -3.46
N SER A 176 19.86 15.16 -2.87
CA SER A 176 19.43 15.38 -1.46
C SER A 176 20.65 15.51 -0.57
N GLN A 177 21.63 14.63 -0.76
CA GLN A 177 22.87 14.67 -0.04
C GLN A 177 23.66 15.97 -0.24
N LEU A 178 23.37 16.73 -1.29
CA LEU A 178 24.06 18.02 -1.53
C LEU A 178 23.42 19.26 -0.84
N VAL A 179 22.09 19.28 -0.69
CA VAL A 179 21.48 20.37 0.10
C VAL A 179 21.86 20.33 1.60
N TYR A 180 21.98 21.47 2.26
CA TYR A 180 22.43 21.47 3.68
C TYR A 180 22.19 22.79 4.37
N GLN A 181 22.24 22.82 5.69
CA GLN A 181 21.96 24.07 6.35
C GLN A 181 23.18 24.66 6.95
N ASP A 182 23.35 25.98 6.81
CA ASP A 182 24.48 26.63 7.44
C ASP A 182 24.18 26.85 8.92
N SER A 183 25.07 27.52 9.63
CA SER A 183 24.90 27.82 11.06
C SER A 183 23.65 28.58 11.40
N TYR A 184 23.03 29.23 10.43
CA TYR A 184 21.84 30.04 10.69
C TYR A 184 20.50 29.42 10.26
N GLY A 185 20.54 28.16 9.83
CA GLY A 185 19.37 27.49 9.33
C GLY A 185 19.30 27.47 7.82
N THR A 186 20.02 28.36 7.14
CA THR A 186 19.83 28.55 5.67
C THR A 186 20.21 27.37 4.80
N PHE A 187 19.26 26.97 3.96
CA PHE A 187 19.41 25.88 3.04
C PHE A 187 20.29 26.32 1.92
N THR A 188 21.34 25.53 1.71
CA THR A 188 22.40 25.91 0.86
C THR A 188 22.82 24.71 0.07
N ILE A 189 23.25 25.00 -1.16
CA ILE A 189 23.86 24.03 -2.07
C ILE A 189 24.95 24.72 -2.87
N ASN A 190 26.02 24.03 -3.20
CA ASN A 190 27.08 24.63 -4.06
C ASN A 190 26.78 24.44 -5.50
N GLU A 191 27.10 25.43 -6.33
CA GLU A 191 27.04 25.24 -7.77
C GLU A 191 27.92 24.04 -8.09
N SER A 192 27.46 23.11 -8.91
CA SER A 192 28.32 21.99 -9.20
C SER A 192 27.83 21.12 -10.34
N THR A 193 28.68 20.23 -10.81
CA THR A 193 28.26 19.27 -11.81
C THR A 193 28.61 17.91 -11.36
N ILE A 194 27.66 17.02 -11.56
CA ILE A 194 27.90 15.66 -11.18
C ILE A 194 27.65 14.72 -12.32
N ILE A 195 28.65 13.87 -12.58
CA ILE A 195 28.50 12.75 -13.50
C ILE A 195 28.67 11.44 -12.75
N ASP A 196 27.65 10.60 -12.82
CA ASP A 196 27.64 9.39 -12.03
C ASP A 196 27.06 8.15 -12.71
N SER A 197 27.70 7.01 -12.45
CA SER A 197 27.14 5.70 -12.76
C SER A 197 27.84 4.58 -12.03
N PRO A 198 27.15 3.47 -11.76
CA PRO A 198 27.68 2.41 -10.88
C PRO A 198 28.85 1.62 -11.46
N ARG A 199 29.81 1.25 -10.62
CA ARG A 199 30.89 0.42 -11.05
C ARG A 199 30.39 -1.03 -11.27
N PHE A 200 29.39 -1.49 -10.49
CA PHE A 200 28.82 -2.86 -10.67
C PHE A 200 27.31 -2.75 -10.62
N SER A 201 26.63 -3.70 -11.26
CA SER A 201 25.18 -3.58 -11.47
C SER A 201 24.35 -4.41 -10.50
N HIS A 202 24.96 -5.46 -9.98
CA HIS A 202 24.32 -6.24 -8.93
C HIS A 202 24.88 -5.82 -7.57
N ARG A 203 24.06 -5.05 -6.82
CA ARG A 203 24.41 -4.52 -5.48
C ARG A 203 23.41 -4.97 -4.33
N GLY A 204 23.58 -6.19 -3.85
CA GLY A 204 22.63 -6.81 -2.92
C GLY A 204 22.79 -6.61 -1.41
N ILE A 205 21.67 -6.79 -0.69
CA ILE A 205 21.63 -7.05 0.74
C ILE A 205 20.83 -8.35 0.84
N LEU A 206 21.36 -9.36 1.54
CA LEU A 206 20.60 -10.57 1.82
C LEU A 206 19.97 -10.50 3.20
N ILE A 207 18.67 -10.77 3.26
CA ILE A 207 17.94 -10.86 4.53
C ILE A 207 17.35 -12.27 4.71
N ASP A 208 17.27 -12.70 5.98
CA ASP A 208 16.84 -14.04 6.34
C ASP A 208 15.52 -13.88 7.10
N THR A 209 14.41 -14.29 6.49
CA THR A 209 13.13 -14.15 7.20
C THR A 209 12.63 -15.49 7.65
N SER A 210 13.52 -16.47 7.79
CA SER A 210 13.16 -17.78 8.29
C SER A 210 13.71 -18.02 9.70
N ARG A 211 15.04 -17.90 9.87
CA ARG A 211 15.60 -17.99 11.21
C ARG A 211 14.82 -17.11 12.23
N HIS A 212 14.46 -15.90 11.79
CA HIS A 212 13.47 -15.05 12.44
C HIS A 212 12.51 -14.45 11.43
N TYR A 213 11.26 -14.23 11.82
CA TYR A 213 10.33 -13.61 10.88
C TYR A 213 10.46 -12.09 10.97
N LEU A 214 10.72 -11.42 9.87
CA LEU A 214 10.80 -10.00 9.87
C LEU A 214 9.46 -9.43 9.49
N PRO A 215 8.89 -8.55 10.32
CA PRO A 215 7.59 -7.98 9.87
C PRO A 215 7.74 -7.10 8.63
N VAL A 216 6.68 -7.00 7.84
CA VAL A 216 6.73 -6.26 6.60
C VAL A 216 7.32 -4.85 6.79
N LYS A 217 6.84 -4.09 7.80
CA LYS A 217 7.42 -2.78 8.15
C LYS A 217 8.92 -2.72 8.13
N ILE A 218 9.57 -3.68 8.78
CA ILE A 218 11.00 -3.65 8.92
C ILE A 218 11.61 -3.97 7.58
N ILE A 219 10.92 -4.71 6.72
CA ILE A 219 11.47 -4.97 5.40
C ILE A 219 11.42 -3.66 4.65
N LEU A 220 10.32 -2.94 4.74
CA LEU A 220 10.24 -1.66 4.05
C LEU A 220 11.33 -0.68 4.48
N LYS A 221 11.64 -0.56 5.77
CA LYS A 221 12.60 0.45 6.19
C LYS A 221 13.93 0.12 5.57
N THR A 222 14.22 -1.19 5.52
CA THR A 222 15.44 -1.72 4.92
C THR A 222 15.56 -1.29 3.47
N LEU A 223 14.47 -1.47 2.73
CA LEU A 223 14.33 -0.93 1.39
C LEU A 223 14.62 0.59 1.31
N ASP A 224 14.08 1.38 2.24
CA ASP A 224 14.43 2.80 2.32
C ASP A 224 15.91 3.05 2.54
N ALA A 225 16.52 2.25 3.39
CA ALA A 225 17.91 2.47 3.76
C ALA A 225 18.77 2.05 2.61
N MET A 226 18.34 1.03 1.88
CA MET A 226 19.02 0.59 0.69
C MET A 226 19.04 1.67 -0.39
N ALA A 227 17.89 2.31 -0.60
CA ALA A 227 17.81 3.44 -1.51
C ALA A 227 18.84 4.50 -1.12
N PHE A 228 18.79 4.96 0.12
CA PHE A 228 19.72 5.97 0.60
C PHE A 228 21.14 5.52 0.31
N ASN A 229 21.37 4.21 0.18
CA ASN A 229 22.72 3.74 -0.08
C ASN A 229 23.05 3.31 -1.52
N LYS A 230 22.10 3.53 -2.45
CA LYS A 230 22.13 3.06 -3.85
C LYS A 230 22.29 1.53 -4.03
N PHE A 231 21.74 0.74 -3.12
CA PHE A 231 21.77 -0.72 -3.28
C PHE A 231 20.62 -1.03 -4.19
N ASN A 232 20.65 -2.09 -4.99
CA ASN A 232 19.48 -2.32 -5.88
C ASN A 232 18.94 -3.72 -5.94
N VAL A 233 19.46 -4.63 -5.13
CA VAL A 233 18.91 -6.00 -5.08
C VAL A 233 18.62 -6.42 -3.65
N LEU A 234 17.35 -6.71 -3.36
CA LEU A 234 17.01 -7.33 -2.06
C LEU A 234 16.99 -8.86 -2.26
N HIS A 235 18.00 -9.54 -1.70
CA HIS A 235 18.16 -10.98 -1.83
C HIS A 235 17.34 -11.53 -0.68
N TRP A 236 16.08 -11.90 -0.98
CA TRP A 236 15.14 -12.34 0.04
C TRP A 236 15.25 -13.84 0.37
N HIS A 237 16.05 -14.19 1.37
CA HIS A 237 16.15 -15.61 1.79
C HIS A 237 14.91 -15.92 2.64
N ILE A 238 13.82 -16.29 1.96
CA ILE A 238 12.49 -16.19 2.53
C ILE A 238 12.15 -17.38 3.43
N VAL A 239 12.65 -18.56 3.09
CA VAL A 239 12.38 -19.78 3.85
C VAL A 239 13.68 -20.54 4.12
N ASP A 240 13.67 -21.44 5.11
CA ASP A 240 14.84 -22.20 5.53
C ASP A 240 14.38 -23.29 6.49
N ASP A 241 15.31 -24.03 7.09
CA ASP A 241 14.98 -25.14 7.99
C ASP A 241 13.94 -24.78 9.01
N GLN A 242 14.11 -23.65 9.68
CA GLN A 242 13.36 -23.31 10.88
C GLN A 242 11.94 -22.90 10.70
N SER A 243 11.58 -22.27 9.59
CA SER A 243 10.21 -21.79 9.41
C SER A 243 9.96 -21.49 7.96
N PHE A 244 8.73 -21.72 7.52
CA PHE A 244 8.30 -21.45 6.13
C PHE A 244 7.23 -20.34 6.10
N PRO A 245 7.64 -19.05 6.29
CA PRO A 245 6.69 -17.94 6.34
C PRO A 245 6.01 -17.53 4.99
N TYR A 246 6.49 -18.05 3.84
CA TYR A 246 5.91 -17.73 2.52
C TYR A 246 4.63 -18.48 2.28
N GLN A 247 3.53 -17.76 2.17
CA GLN A 247 2.28 -18.42 1.90
C GLN A 247 2.10 -18.76 0.41
N SER A 248 2.01 -20.05 0.08
CA SER A 248 1.90 -20.41 -1.33
C SER A 248 0.48 -20.75 -1.70
N ILE A 249 0.03 -20.29 -2.87
CA ILE A 249 -1.37 -20.52 -3.24
C ILE A 249 -1.63 -21.95 -3.80
N THR A 250 -0.78 -22.46 -4.68
CA THR A 250 -0.97 -23.87 -5.06
C THR A 250 -0.59 -24.85 -3.92
N PHE A 251 0.12 -24.37 -2.90
CA PHE A 251 0.46 -25.21 -1.75
C PHE A 251 0.14 -24.65 -0.37
N PRO A 252 -1.14 -24.62 -0.02
CA PRO A 252 -1.44 -23.90 1.22
C PRO A 252 -0.74 -24.53 2.43
N GLU A 253 -0.48 -25.83 2.38
CA GLU A 253 0.02 -26.48 3.56
C GLU A 253 1.43 -26.05 3.91
N LEU A 254 2.25 -25.75 2.92
CA LEU A 254 3.62 -25.37 3.18
C LEU A 254 3.68 -24.35 4.31
N SER A 255 2.95 -23.26 4.19
CA SER A 255 3.04 -22.27 5.23
C SER A 255 2.14 -22.58 6.45
N ASN A 256 0.97 -23.17 6.21
CA ASN A 256 0.06 -23.54 7.30
C ASN A 256 0.76 -24.38 8.34
N LYS A 257 1.59 -25.29 7.89
CA LYS A 257 2.28 -26.24 8.78
C LYS A 257 3.73 -25.88 9.05
N GLY A 258 4.31 -24.97 8.27
CA GLY A 258 5.73 -24.69 8.38
C GLY A 258 6.07 -23.32 8.93
N SER A 259 5.11 -22.41 8.87
CA SER A 259 5.34 -21.10 9.42
C SER A 259 5.44 -21.17 10.96
N TYR A 260 6.03 -20.18 11.61
CA TYR A 260 6.14 -20.20 13.08
C TYR A 260 4.77 -20.19 13.77
N SER A 261 3.81 -19.50 13.14
CA SER A 261 2.43 -19.36 13.65
C SER A 261 1.70 -18.69 12.52
N LEU A 262 0.37 -18.63 12.61
CA LEU A 262 -0.44 -18.02 11.56
C LEU A 262 -0.11 -16.58 11.36
N SER A 263 0.41 -15.91 12.38
CA SER A 263 0.80 -14.50 12.20
C SER A 263 2.31 -14.25 11.95
N HIS A 264 3.01 -15.26 11.46
CA HIS A 264 4.39 -15.10 10.97
C HIS A 264 4.40 -15.63 9.57
N VAL A 265 3.64 -14.93 8.74
CA VAL A 265 3.42 -15.33 7.39
C VAL A 265 3.53 -14.12 6.45
N TYR A 266 4.00 -14.36 5.23
CA TYR A 266 3.96 -13.35 4.18
C TYR A 266 2.87 -13.77 3.20
N THR A 267 1.75 -13.05 3.23
CA THR A 267 0.64 -13.32 2.31
C THR A 267 0.98 -12.79 0.91
N PRO A 268 0.23 -13.22 -0.12
CA PRO A 268 0.53 -12.82 -1.51
C PRO A 268 0.51 -11.33 -1.63
N ASN A 269 -0.29 -10.74 -0.78
CA ASN A 269 -0.35 -9.31 -0.65
C ASN A 269 0.79 -8.61 0.12
N ASP A 270 1.34 -9.27 1.16
CA ASP A 270 2.62 -8.82 1.71
C ASP A 270 3.70 -8.87 0.60
N VAL A 271 3.81 -9.98 -0.12
CA VAL A 271 4.79 -10.09 -1.18
C VAL A 271 4.57 -9.00 -2.23
N ARG A 272 3.31 -8.74 -2.52
CA ARG A 272 3.03 -7.74 -3.50
C ARG A 272 3.56 -6.41 -3.03
N MET A 273 3.35 -6.09 -1.77
CA MET A 273 3.73 -4.81 -1.26
C MET A 273 5.20 -4.58 -1.36
N VAL A 274 5.96 -5.57 -0.90
CA VAL A 274 7.41 -5.49 -0.78
C VAL A 274 7.93 -5.23 -2.16
N ILE A 275 7.46 -6.03 -3.11
CA ILE A 275 7.89 -5.92 -4.50
C ILE A 275 7.68 -4.51 -5.07
N GLU A 276 6.47 -3.94 -4.91
CA GLU A 276 6.13 -2.61 -5.45
C GLU A 276 7.04 -1.58 -4.79
N TYR A 277 7.01 -1.60 -3.46
CA TYR A 277 7.81 -0.73 -2.64
C TYR A 277 9.29 -0.69 -3.11
N ALA A 278 9.86 -1.86 -3.43
CA ALA A 278 11.26 -1.91 -3.84
C ALA A 278 11.37 -1.35 -5.25
N ARG A 279 10.44 -1.75 -6.12
CA ARG A 279 10.39 -1.26 -7.50
C ARG A 279 10.38 0.28 -7.59
N LEU A 280 9.57 0.92 -6.72
CA LEU A 280 9.40 2.36 -6.64
C LEU A 280 10.70 3.07 -6.30
N ARG A 281 11.66 2.29 -5.82
CA ARG A 281 12.99 2.71 -5.45
C ARG A 281 14.10 2.13 -6.38
N GLY A 282 13.72 1.55 -7.51
CA GLY A 282 14.70 0.87 -8.34
C GLY A 282 15.41 -0.31 -7.68
N ILE A 283 14.72 -1.00 -6.79
CA ILE A 283 15.22 -2.23 -6.18
C ILE A 283 14.54 -3.51 -6.72
N ARG A 284 15.35 -4.50 -7.09
CA ARG A 284 14.89 -5.80 -7.62
C ARG A 284 14.70 -6.74 -6.43
N VAL A 285 13.64 -7.54 -6.44
CA VAL A 285 13.45 -8.46 -5.31
C VAL A 285 13.75 -9.83 -5.88
N LEU A 286 14.88 -10.37 -5.45
CA LEU A 286 15.38 -11.69 -5.87
C LEU A 286 15.03 -12.75 -4.81
N PRO A 287 14.09 -13.68 -5.10
CA PRO A 287 13.69 -14.61 -4.04
C PRO A 287 14.69 -15.74 -3.96
N GLU A 288 15.02 -16.18 -2.76
CA GLU A 288 15.78 -17.43 -2.65
C GLU A 288 14.89 -18.52 -2.08
N PHE A 289 14.72 -19.60 -2.83
CA PHE A 289 13.99 -20.78 -2.34
C PHE A 289 14.96 -21.93 -2.22
N ASP A 290 15.71 -21.96 -1.13
CA ASP A 290 16.85 -22.85 -1.04
C ASP A 290 16.51 -24.35 -0.98
N THR A 291 17.14 -25.10 -1.88
CA THR A 291 16.99 -26.55 -1.96
C THR A 291 18.35 -27.13 -2.43
N PRO A 292 18.60 -28.41 -2.14
CA PRO A 292 17.77 -29.38 -1.46
C PRO A 292 17.96 -29.31 0.06
N GLY A 293 19.06 -28.71 0.48
CA GLY A 293 19.31 -28.52 1.91
C GLY A 293 18.52 -27.35 2.47
N HIS A 294 18.50 -27.21 3.79
CA HIS A 294 17.88 -26.05 4.41
C HIS A 294 16.38 -26.05 4.19
N THR A 295 15.83 -27.24 3.96
CA THR A 295 14.45 -27.43 3.57
C THR A 295 13.59 -28.18 4.61
N LEU A 296 14.08 -28.27 5.84
CA LEU A 296 13.39 -28.99 6.92
C LEU A 296 11.92 -28.56 7.08
N SER A 297 11.63 -27.27 6.92
CA SER A 297 10.26 -26.80 7.14
C SER A 297 9.32 -27.12 6.00
N TRP A 298 9.86 -27.33 4.80
CA TRP A 298 9.01 -27.65 3.66
C TRP A 298 8.25 -28.94 3.95
N GLY A 299 8.79 -29.75 4.86
CA GLY A 299 8.32 -31.10 4.99
C GLY A 299 7.03 -31.15 5.76
N LYS A 300 6.79 -30.15 6.59
CA LYS A 300 5.60 -30.23 7.46
C LYS A 300 4.28 -30.18 6.64
N GLY A 301 4.24 -29.38 5.58
CA GLY A 301 3.13 -29.41 4.64
C GLY A 301 3.36 -30.16 3.34
N GLN A 302 4.42 -30.95 3.24
CA GLN A 302 4.62 -31.74 2.01
C GLN A 302 5.07 -33.15 2.35
N LYS A 303 4.08 -34.04 2.30
CA LYS A 303 4.25 -35.48 2.51
C LYS A 303 5.27 -35.97 1.52
N ASP A 304 6.25 -36.71 2.02
CA ASP A 304 7.15 -37.44 1.15
C ASP A 304 8.19 -36.65 0.41
N LEU A 305 8.17 -35.33 0.53
CA LEU A 305 9.22 -34.51 -0.04
C LEU A 305 10.63 -34.69 0.58
N LEU A 306 10.75 -34.85 1.91
CA LEU A 306 12.08 -34.94 2.57
C LEU A 306 12.57 -36.39 2.75
N THR A 307 13.87 -36.63 2.63
CA THR A 307 14.40 -37.97 2.93
C THR A 307 14.29 -38.31 4.42
N PRO A 308 13.79 -39.50 4.77
CA PRO A 308 13.78 -39.94 6.16
C PRO A 308 15.10 -40.58 6.52
N CYS A 309 15.64 -40.24 7.70
CA CYS A 309 16.95 -40.77 8.10
C CYS A 309 16.85 -41.98 8.99
N TYR A 310 17.79 -42.91 8.81
CA TYR A 310 17.87 -44.16 9.55
C TYR A 310 18.99 -44.16 10.60
N SER A 311 18.56 -43.94 11.85
CA SER A 311 19.38 -44.01 13.06
C SER A 311 18.83 -45.05 14.02
N ASP A 317 18.97 -37.53 13.10
CA ASP A 317 17.79 -36.70 12.79
C ASP A 317 16.72 -37.45 12.06
N SER A 318 15.48 -36.98 12.14
CA SER A 318 14.39 -37.59 11.39
C SER A 318 14.58 -37.45 9.90
N PHE A 319 14.65 -36.21 9.48
CA PHE A 319 14.61 -35.90 8.07
C PHE A 319 15.82 -35.17 7.62
N GLY A 320 16.21 -35.47 6.39
CA GLY A 320 17.28 -34.77 5.72
C GLY A 320 16.77 -33.99 4.51
N PRO A 321 17.61 -33.83 3.46
CA PRO A 321 17.34 -32.96 2.34
C PRO A 321 16.22 -33.52 1.50
N ILE A 322 15.67 -32.70 0.59
CA ILE A 322 14.65 -33.19 -0.32
C ILE A 322 15.16 -34.49 -0.94
N ASN A 323 14.25 -35.43 -1.06
CA ASN A 323 14.53 -36.71 -1.63
C ASN A 323 14.55 -36.59 -3.15
N PRO A 324 15.76 -36.67 -3.73
CA PRO A 324 15.94 -36.35 -5.14
C PRO A 324 15.65 -37.52 -6.08
N THR A 325 15.00 -38.57 -5.59
CA THR A 325 14.81 -39.77 -6.36
C THR A 325 13.34 -40.04 -6.75
N LEU A 326 12.39 -39.26 -6.24
CA LEU A 326 10.98 -39.53 -6.55
C LEU A 326 10.45 -38.65 -7.64
N ASN A 327 9.44 -39.14 -8.36
CA ASN A 327 8.81 -38.29 -9.35
C ASN A 327 7.99 -37.23 -8.67
N THR A 328 7.28 -37.65 -7.63
CA THR A 328 6.42 -36.79 -6.84
C THR A 328 7.18 -35.52 -6.47
N THR A 329 8.49 -35.66 -6.23
CA THR A 329 9.41 -34.52 -5.92
C THR A 329 9.56 -33.45 -7.02
N TYR A 330 9.87 -33.89 -8.23
CA TYR A 330 10.03 -32.94 -9.30
C TYR A 330 8.65 -32.47 -9.79
N SER A 331 7.62 -33.21 -9.38
CA SER A 331 6.24 -32.89 -9.73
C SER A 331 5.92 -31.60 -9.02
N PHE A 332 5.98 -31.69 -7.70
CA PHE A 332 5.84 -30.58 -6.77
C PHE A 332 6.68 -29.36 -7.15
N LEU A 333 7.99 -29.60 -7.34
CA LEU A 333 8.94 -28.55 -7.67
C LEU A 333 8.58 -27.79 -8.97
N THR A 334 7.97 -28.48 -9.92
CA THR A 334 7.50 -27.82 -11.13
C THR A 334 6.30 -26.93 -10.86
N THR A 335 5.28 -27.48 -10.23
CA THR A 335 4.17 -26.67 -9.82
C THR A 335 4.61 -25.43 -9.04
N PHE A 336 5.46 -25.67 -8.05
CA PHE A 336 5.92 -24.65 -7.15
C PHE A 336 6.66 -23.54 -7.85
N PHE A 337 7.70 -23.93 -8.59
CA PHE A 337 8.51 -22.90 -9.23
C PHE A 337 7.73 -22.12 -10.30
N LYS A 338 6.69 -22.75 -10.86
CA LYS A 338 5.80 -22.07 -11.78
C LYS A 338 5.05 -20.95 -11.04
N GLU A 339 4.55 -21.24 -9.84
CA GLU A 339 3.95 -20.19 -9.02
C GLU A 339 4.96 -19.08 -8.69
N ILE A 340 6.13 -19.47 -8.19
CA ILE A 340 7.17 -18.50 -7.93
C ILE A 340 7.38 -17.58 -9.15
N SER A 341 7.60 -18.20 -10.32
CA SER A 341 7.89 -17.49 -11.57
C SER A 341 6.83 -16.44 -11.91
N GLU A 342 5.61 -16.64 -11.45
CA GLU A 342 4.57 -15.65 -11.65
C GLU A 342 4.50 -14.60 -10.53
N VAL A 343 4.92 -14.98 -9.33
CA VAL A 343 4.75 -14.12 -8.16
C VAL A 343 5.86 -13.07 -8.11
N PHE A 344 7.05 -13.47 -8.53
CA PHE A 344 8.19 -12.59 -8.43
C PHE A 344 8.57 -12.17 -9.80
N PRO A 345 8.44 -10.86 -10.08
CA PRO A 345 8.68 -10.28 -11.38
C PRO A 345 10.12 -10.40 -11.86
N ASP A 346 11.09 -10.22 -10.97
CA ASP A 346 12.51 -10.33 -11.35
C ASP A 346 12.87 -11.50 -12.27
N GLN A 347 13.89 -11.25 -13.09
CA GLN A 347 14.42 -12.26 -13.98
C GLN A 347 14.98 -13.51 -13.23
N PHE A 348 15.78 -13.32 -12.20
CA PHE A 348 16.46 -14.48 -11.65
C PHE A 348 15.71 -15.09 -10.48
N ILE A 349 15.85 -16.42 -10.33
CA ILE A 349 15.47 -17.14 -9.09
C ILE A 349 16.73 -17.72 -8.48
N HIS A 350 16.90 -17.53 -7.17
CA HIS A 350 18.08 -18.06 -6.50
C HIS A 350 17.70 -19.40 -5.99
N LEU A 351 18.47 -20.40 -6.36
CA LEU A 351 18.06 -21.74 -6.07
C LEU A 351 18.72 -22.32 -4.86
N GLY A 352 19.59 -21.51 -4.23
CA GLY A 352 20.48 -21.93 -3.14
C GLY A 352 21.50 -23.01 -3.55
N GLY A 353 21.26 -24.24 -3.09
CA GLY A 353 22.14 -25.38 -3.36
C GLY A 353 23.31 -25.54 -2.41
N ASP A 354 23.36 -24.76 -1.35
CA ASP A 354 24.48 -24.78 -0.39
C ASP A 354 24.32 -25.82 0.71
N GLU A 355 25.50 -26.31 1.16
CA GLU A 355 25.64 -27.03 2.41
C GLU A 355 24.81 -28.31 2.57
N VAL A 356 24.71 -29.11 1.52
CA VAL A 356 23.91 -30.32 1.57
C VAL A 356 24.63 -31.48 2.24
N GLU A 357 24.01 -31.99 3.30
CA GLU A 357 24.46 -33.17 4.02
C GLU A 357 24.15 -34.50 3.32
N PHE A 358 25.19 -35.32 3.17
CA PHE A 358 25.04 -36.64 2.56
C PHE A 358 24.80 -37.75 3.58
N LYS A 359 25.16 -37.47 4.84
CA LYS A 359 25.12 -38.48 5.88
C LYS A 359 23.74 -39.13 5.89
N CYS A 360 22.71 -38.34 5.56
CA CYS A 360 21.36 -38.86 5.55
C CYS A 360 20.98 -39.69 4.32
N TRP A 361 21.06 -39.10 3.13
CA TRP A 361 20.87 -39.85 1.88
C TRP A 361 21.55 -41.22 1.89
N GLU A 362 22.72 -41.28 2.52
CA GLU A 362 23.57 -42.47 2.57
C GLU A 362 23.07 -43.53 3.55
N SER A 363 22.43 -43.10 4.65
CA SER A 363 21.86 -44.06 5.61
C SER A 363 20.56 -44.67 5.10
N ASN A 364 20.07 -44.14 3.98
CA ASN A 364 18.76 -44.46 3.48
C ASN A 364 18.84 -45.48 2.35
N PRO A 365 18.05 -46.57 2.43
CA PRO A 365 18.18 -47.66 1.47
C PRO A 365 17.53 -47.43 0.09
N LYS A 366 16.40 -46.73 0.02
CA LYS A 366 15.85 -46.42 -1.28
C LYS A 366 16.80 -45.48 -2.03
N ILE A 367 17.48 -44.57 -1.33
CA ILE A 367 18.52 -43.81 -2.02
C ILE A 367 19.65 -44.74 -2.47
N GLN A 368 20.13 -45.55 -1.53
CA GLN A 368 21.15 -46.59 -1.80
C GLN A 368 20.89 -47.25 -3.15
N ASP A 369 19.63 -47.63 -3.35
CA ASP A 369 19.18 -48.35 -4.52
C ASP A 369 19.27 -47.51 -5.78
N PHE A 370 18.80 -46.27 -5.72
CA PHE A 370 18.92 -45.29 -6.82
C PHE A 370 20.39 -45.09 -7.25
N MET A 371 21.27 -44.87 -6.26
CA MET A 371 22.72 -44.81 -6.46
C MET A 371 23.23 -45.97 -7.29
N ARG A 372 22.74 -47.17 -6.99
CA ARG A 372 23.10 -48.41 -7.68
C ARG A 372 22.63 -48.35 -9.15
N GLN A 373 21.39 -47.91 -9.37
CA GLN A 373 20.72 -47.86 -10.68
C GLN A 373 21.24 -46.81 -11.61
N LYS A 374 21.90 -45.80 -11.07
CA LYS A 374 22.47 -44.76 -11.88
C LYS A 374 23.94 -45.03 -11.97
N GLY A 375 24.39 -46.09 -11.29
CA GLY A 375 25.82 -46.35 -11.10
C GLY A 375 26.58 -45.13 -10.60
N PHE A 376 26.06 -44.46 -9.57
CA PHE A 376 26.70 -43.26 -9.00
C PHE A 376 27.76 -43.57 -7.93
N GLY A 377 27.97 -44.87 -7.69
CA GLY A 377 28.93 -45.37 -6.70
C GLY A 377 28.48 -44.96 -5.33
N THR A 378 29.39 -44.38 -4.58
CA THR A 378 29.00 -43.73 -3.34
C THR A 378 29.63 -42.35 -3.35
N ASP A 379 29.56 -41.72 -4.52
CA ASP A 379 29.84 -40.31 -4.66
C ASP A 379 28.49 -39.64 -4.67
N PHE A 380 28.18 -38.93 -3.60
CA PHE A 380 26.86 -38.36 -3.44
C PHE A 380 26.74 -36.95 -4.09
N LYS A 381 27.88 -36.34 -4.44
CA LYS A 381 27.93 -35.12 -5.29
C LYS A 381 27.21 -35.40 -6.61
N LYS A 382 27.51 -36.57 -7.19
CA LYS A 382 26.82 -37.03 -8.41
C LYS A 382 25.29 -36.93 -8.31
N LEU A 383 24.74 -37.22 -7.13
CA LEU A 383 23.30 -37.16 -6.84
C LEU A 383 22.80 -35.73 -6.55
N GLU A 384 23.59 -34.97 -5.80
CA GLU A 384 23.39 -33.55 -5.63
C GLU A 384 23.35 -32.88 -6.98
N SER A 385 24.19 -33.36 -7.89
CA SER A 385 24.23 -32.86 -9.25
C SER A 385 22.96 -33.17 -10.02
N PHE A 386 22.60 -34.45 -10.03
CA PHE A 386 21.37 -34.94 -10.65
C PHE A 386 20.19 -34.02 -10.32
N TYR A 387 19.95 -33.87 -9.01
CA TYR A 387 18.84 -33.12 -8.50
C TYR A 387 18.91 -31.70 -9.00
N ILE A 388 20.04 -31.05 -8.71
CA ILE A 388 20.11 -29.63 -8.89
C ILE A 388 19.92 -29.31 -10.36
N GLN A 389 20.41 -30.21 -11.20
CA GLN A 389 20.38 -30.01 -12.60
C GLN A 389 18.94 -30.07 -13.06
N LYS A 390 18.22 -31.04 -12.53
CA LYS A 390 16.84 -31.17 -12.89
C LYS A 390 16.05 -29.91 -12.54
N VAL A 391 16.37 -29.28 -11.41
CA VAL A 391 15.73 -28.04 -10.96
C VAL A 391 16.10 -26.87 -11.87
N LEU A 392 17.39 -26.83 -12.23
CA LEU A 392 17.92 -25.89 -13.23
C LEU A 392 17.07 -25.91 -14.47
N ASP A 393 16.80 -27.09 -15.00
CA ASP A 393 15.90 -27.25 -16.14
C ASP A 393 14.49 -26.76 -15.89
N ILE A 394 13.98 -26.95 -14.67
CA ILE A 394 12.64 -26.47 -14.42
C ILE A 394 12.63 -24.96 -14.60
N ILE A 395 13.63 -24.30 -13.98
CA ILE A 395 13.82 -22.84 -14.09
C ILE A 395 13.93 -22.38 -15.54
N ALA A 396 14.82 -23.01 -16.30
CA ALA A 396 14.97 -22.74 -17.73
C ALA A 396 13.64 -22.88 -18.47
N THR A 397 12.92 -23.96 -18.23
CA THR A 397 11.59 -24.16 -18.84
C THR A 397 10.61 -23.01 -18.60
N ILE A 398 10.61 -22.36 -17.43
CA ILE A 398 9.75 -21.16 -17.30
C ILE A 398 10.38 -19.85 -17.80
N ASN A 399 11.51 -19.93 -18.53
CA ASN A 399 12.23 -18.74 -19.03
C ASN A 399 12.73 -17.73 -17.99
N LYS A 400 13.35 -18.25 -16.96
CA LYS A 400 13.92 -17.41 -15.94
C LYS A 400 15.38 -17.79 -15.81
N GLY A 401 16.16 -16.93 -15.16
CA GLY A 401 17.57 -17.22 -14.87
C GLY A 401 17.75 -17.90 -13.51
N SER A 402 18.89 -18.55 -13.32
CA SER A 402 19.17 -19.16 -12.04
C SER A 402 20.36 -18.51 -11.35
N ILE A 403 20.28 -18.39 -10.02
CA ILE A 403 21.47 -18.13 -9.23
C ILE A 403 21.63 -19.27 -8.27
N VAL A 404 22.86 -19.46 -7.83
CA VAL A 404 23.29 -20.73 -7.29
C VAL A 404 24.51 -20.51 -6.40
N TRP A 405 24.51 -21.10 -5.22
CA TRP A 405 25.68 -20.94 -4.36
C TRP A 405 26.83 -21.78 -4.96
N GLN A 406 28.06 -21.32 -4.81
CA GLN A 406 29.23 -22.02 -5.36
C GLN A 406 29.23 -23.55 -5.34
N GLU A 407 28.70 -24.15 -4.28
CA GLU A 407 28.76 -25.61 -4.13
C GLU A 407 28.26 -26.31 -5.35
N VAL A 408 27.23 -25.73 -5.99
CA VAL A 408 26.63 -26.29 -7.20
C VAL A 408 27.67 -26.39 -8.35
N PHE A 409 28.41 -25.30 -8.58
CA PHE A 409 29.53 -25.25 -9.51
C PHE A 409 30.67 -26.16 -9.09
N ASP A 410 31.09 -26.03 -7.84
CA ASP A 410 32.16 -26.82 -7.26
C ASP A 410 31.98 -28.31 -7.33
N ASP A 411 30.71 -28.73 -7.33
CA ASP A 411 30.39 -30.13 -7.45
C ASP A 411 30.02 -30.46 -8.88
N LYS A 412 30.49 -29.60 -9.77
CA LYS A 412 30.51 -29.88 -11.20
C LYS A 412 29.15 -30.36 -11.78
N ALA A 413 28.05 -29.64 -11.48
CA ALA A 413 26.79 -29.82 -12.22
C ALA A 413 26.89 -29.08 -13.55
N LYS A 414 26.11 -29.49 -14.56
CA LYS A 414 26.16 -28.80 -15.84
C LYS A 414 25.20 -27.60 -15.82
N LEU A 415 25.77 -26.41 -15.96
CA LEU A 415 25.01 -25.17 -15.88
C LEU A 415 24.77 -24.53 -17.22
N ALA A 416 23.59 -23.94 -17.37
CA ALA A 416 23.23 -23.25 -18.58
C ALA A 416 24.04 -21.95 -18.73
N PRO A 417 24.15 -21.41 -19.95
CA PRO A 417 25.02 -20.23 -20.08
C PRO A 417 24.34 -19.01 -19.44
N GLY A 418 25.01 -18.33 -18.52
CA GLY A 418 24.41 -17.15 -17.87
C GLY A 418 23.81 -17.41 -16.49
N THR A 419 23.81 -18.68 -16.08
CA THR A 419 23.62 -19.06 -14.68
C THR A 419 24.64 -18.21 -13.92
N ILE A 420 24.19 -17.51 -12.88
CA ILE A 420 25.07 -16.78 -11.97
C ILE A 420 25.47 -17.64 -10.77
N VAL A 421 26.77 -17.69 -10.51
CA VAL A 421 27.30 -18.39 -9.34
C VAL A 421 27.68 -17.38 -8.25
N GLU A 422 27.24 -17.65 -7.03
CA GLU A 422 27.51 -16.73 -5.95
C GLU A 422 28.54 -17.30 -4.99
N VAL A 423 29.65 -16.62 -4.88
CA VAL A 423 30.80 -17.10 -4.12
C VAL A 423 30.68 -16.58 -2.70
N TRP A 424 30.55 -17.51 -1.76
CA TRP A 424 30.20 -17.13 -0.39
C TRP A 424 31.18 -17.66 0.62
N LYS A 425 31.98 -18.65 0.22
CA LYS A 425 32.92 -19.29 1.14
C LYS A 425 34.21 -18.49 1.26
N ASP A 426 34.52 -18.10 2.49
CA ASP A 426 35.67 -17.25 2.74
C ASP A 426 37.05 -17.83 2.40
N SER A 427 37.17 -19.14 2.31
CA SER A 427 38.44 -19.81 2.04
C SER A 427 39.07 -19.55 0.65
N ALA A 428 39.95 -18.56 0.54
CA ALA A 428 40.67 -18.29 -0.74
C ALA A 428 39.69 -18.10 -1.91
N TYR A 429 38.83 -17.10 -1.78
CA TYR A 429 37.75 -16.94 -2.73
C TYR A 429 38.26 -16.34 -4.03
N PRO A 430 39.37 -15.57 -3.95
CA PRO A 430 39.87 -15.15 -5.25
C PRO A 430 40.10 -16.32 -6.22
N GLU A 431 40.61 -17.46 -5.76
CA GLU A 431 40.76 -18.59 -6.65
C GLU A 431 39.44 -19.18 -7.07
N GLU A 432 38.43 -19.11 -6.19
CA GLU A 432 37.05 -19.42 -6.60
C GLU A 432 36.60 -18.50 -7.74
N LEU A 433 36.76 -17.19 -7.54
CA LEU A 433 36.39 -16.22 -8.54
C LEU A 433 37.04 -16.50 -9.90
N SER A 434 38.31 -16.91 -9.87
CA SER A 434 39.07 -17.25 -11.07
C SER A 434 38.53 -18.48 -11.75
N ARG A 435 38.25 -19.53 -11.00
CA ARG A 435 37.69 -20.76 -11.58
C ARG A 435 36.36 -20.55 -12.25
N VAL A 436 35.42 -19.93 -11.52
CA VAL A 436 34.09 -19.66 -12.07
C VAL A 436 34.15 -18.82 -13.35
N THR A 437 34.93 -17.76 -13.31
CA THR A 437 35.07 -16.87 -14.46
C THR A 437 35.82 -17.51 -15.63
N ALA A 438 36.80 -18.37 -15.32
CA ALA A 438 37.45 -19.18 -16.35
C ALA A 438 36.46 -20.13 -17.02
N SER A 439 35.45 -20.62 -16.30
CA SER A 439 34.38 -21.43 -16.93
C SER A 439 33.41 -20.62 -17.77
N GLY A 440 33.51 -19.29 -17.71
CA GLY A 440 32.62 -18.41 -18.45
C GLY A 440 31.27 -18.05 -17.83
N PHE A 441 31.08 -18.23 -16.52
CA PHE A 441 29.82 -17.87 -15.89
C PHE A 441 29.94 -16.54 -15.19
N PRO A 442 28.87 -15.73 -15.24
CA PRO A 442 28.78 -14.53 -14.39
C PRO A 442 28.83 -14.90 -12.88
N VAL A 443 29.52 -14.08 -12.09
CA VAL A 443 29.84 -14.41 -10.69
C VAL A 443 29.53 -13.23 -9.78
N ILE A 444 29.01 -13.55 -8.59
CA ILE A 444 28.64 -12.54 -7.57
C ILE A 444 29.36 -12.86 -6.27
N LEU A 445 30.05 -11.88 -5.69
CA LEU A 445 30.78 -12.09 -4.46
C LEU A 445 30.02 -11.69 -3.23
N SER A 446 30.06 -12.53 -2.19
CA SER A 446 29.53 -12.14 -0.89
C SER A 446 30.43 -12.57 0.26
N ALA A 447 31.38 -13.48 0.00
CA ALA A 447 32.26 -14.02 1.05
C ALA A 447 32.89 -13.03 2.08
N PRO A 448 33.49 -11.90 1.65
CA PRO A 448 34.04 -11.12 2.75
C PRO A 448 33.02 -10.23 3.42
N TRP A 449 31.75 -10.42 3.06
CA TRP A 449 30.72 -9.47 3.48
C TRP A 449 29.60 -10.10 4.30
N TYR A 450 30.00 -11.06 5.14
CA TYR A 450 29.09 -11.62 6.11
C TYR A 450 28.90 -10.71 7.32
N LEU A 451 27.81 -9.96 7.28
CA LEU A 451 27.56 -8.96 8.30
C LEU A 451 26.98 -9.53 9.56
N ASP A 452 26.41 -10.73 9.53
CA ASP A 452 26.01 -11.40 10.78
C ASP A 452 27.25 -11.78 11.60
N LEU A 453 28.40 -11.86 10.93
CA LEU A 453 29.65 -12.19 11.58
C LEU A 453 30.23 -11.00 12.25
N ILE A 454 29.58 -10.54 13.32
CA ILE A 454 29.97 -9.30 14.00
C ILE A 454 31.24 -9.48 14.83
N SER A 455 31.91 -8.36 15.12
CA SER A 455 33.11 -8.36 15.96
C SER A 455 33.37 -6.96 16.49
N TYR A 456 34.29 -6.83 17.44
CA TYR A 456 34.60 -5.56 18.05
C TYR A 456 35.25 -4.48 17.16
N GLY A 457 34.68 -3.28 17.18
CA GLY A 457 35.40 -2.10 16.73
C GLY A 457 35.03 -1.76 15.31
N GLN A 458 35.88 -1.00 14.65
CA GLN A 458 35.50 -0.50 13.36
C GLN A 458 35.63 -1.48 12.21
N ASP A 459 34.80 -2.53 12.18
CA ASP A 459 34.93 -3.56 11.11
C ASP A 459 34.50 -3.11 9.69
N TRP A 460 33.83 -1.94 9.62
CA TRP A 460 33.40 -1.40 8.35
C TRP A 460 34.60 -1.19 7.45
N ARG A 461 35.74 -0.90 8.08
CA ARG A 461 36.98 -0.68 7.33
C ARG A 461 37.42 -1.93 6.56
N LYS A 462 37.49 -3.04 7.26
CA LYS A 462 37.75 -4.31 6.67
C LYS A 462 36.85 -4.52 5.46
N TYR A 463 35.55 -4.21 5.56
CA TYR A 463 34.60 -4.48 4.44
C TYR A 463 34.86 -3.58 3.27
N TYR A 464 35.16 -2.32 3.60
CA TYR A 464 35.39 -1.27 2.62
C TYR A 464 36.67 -1.50 1.86
N LYS A 465 37.66 -2.14 2.47
CA LYS A 465 38.95 -2.23 1.83
C LYS A 465 39.03 -3.37 0.84
N VAL A 466 38.02 -4.22 0.79
CA VAL A 466 37.99 -5.26 -0.22
C VAL A 466 38.11 -4.67 -1.64
N GLU A 467 38.98 -5.25 -2.48
CA GLU A 467 38.98 -4.96 -3.89
C GLU A 467 38.48 -6.21 -4.64
N PRO A 468 37.19 -6.18 -5.04
CA PRO A 468 36.58 -7.38 -5.58
C PRO A 468 37.35 -7.95 -6.76
N LEU A 469 38.08 -7.11 -7.49
CA LEU A 469 38.72 -7.63 -8.70
C LEU A 469 40.15 -8.09 -8.59
N ASP A 470 40.73 -8.07 -7.39
CA ASP A 470 42.06 -8.72 -7.21
C ASP A 470 41.95 -10.22 -7.20
N PHE A 471 41.77 -10.79 -8.38
CA PHE A 471 42.08 -12.18 -8.60
C PHE A 471 42.80 -12.26 -9.94
N GLY A 472 43.46 -13.38 -10.21
CA GLY A 472 44.03 -13.63 -11.53
C GLY A 472 42.91 -13.95 -12.49
N GLY A 473 43.01 -13.44 -13.71
CA GLY A 473 41.96 -13.57 -14.71
C GLY A 473 42.13 -12.48 -15.73
N THR A 474 41.93 -12.82 -17.01
CA THR A 474 42.03 -11.90 -18.15
C THR A 474 40.94 -10.84 -18.05
N GLN A 475 41.00 -9.83 -18.91
CA GLN A 475 39.89 -8.86 -18.99
C GLN A 475 38.50 -9.49 -19.12
N LYS A 476 38.34 -10.39 -20.09
CA LYS A 476 37.04 -10.94 -20.39
C LYS A 476 36.54 -11.71 -19.19
N GLN A 477 37.49 -12.22 -18.43
CA GLN A 477 37.20 -12.98 -17.24
C GLN A 477 36.61 -12.06 -16.19
N LYS A 478 37.23 -10.90 -16.00
CA LYS A 478 36.79 -9.87 -15.06
C LYS A 478 35.43 -9.30 -15.39
N GLN A 479 35.20 -9.05 -16.68
CA GLN A 479 33.90 -8.64 -17.14
C GLN A 479 32.77 -9.58 -16.67
N LEU A 480 33.09 -10.81 -16.30
CA LEU A 480 32.06 -11.74 -15.77
C LEU A 480 31.64 -11.50 -14.32
N PHE A 481 32.46 -10.76 -13.57
CA PHE A 481 32.18 -10.36 -12.20
C PHE A 481 31.12 -9.28 -12.18
N ILE A 482 29.90 -9.62 -11.84
CA ILE A 482 28.83 -8.61 -11.96
C ILE A 482 28.51 -7.86 -10.67
N GLY A 483 29.05 -8.31 -9.55
CA GLY A 483 28.90 -7.61 -8.29
C GLY A 483 28.85 -8.51 -7.07
N GLY A 484 28.10 -8.05 -6.06
CA GLY A 484 28.14 -8.67 -4.75
C GLY A 484 27.02 -8.25 -3.84
N GLU A 485 26.98 -8.86 -2.64
CA GLU A 485 25.91 -8.63 -1.64
C GLU A 485 26.55 -8.64 -0.28
N ALA A 486 26.03 -7.78 0.62
CA ALA A 486 26.35 -7.85 2.03
C ALA A 486 25.28 -8.76 2.60
N CYS A 487 25.69 -9.72 3.42
CA CYS A 487 24.70 -10.64 4.00
C CYS A 487 24.43 -10.54 5.46
N LEU A 488 23.16 -10.50 5.80
CA LEU A 488 22.82 -10.54 7.20
C LEU A 488 21.96 -11.75 7.48
N TRP A 489 22.57 -12.87 7.85
CA TRP A 489 21.78 -14.08 8.11
C TRP A 489 21.02 -14.01 9.46
N GLY A 490 19.90 -14.73 9.57
CA GLY A 490 18.95 -14.45 10.66
C GLY A 490 19.06 -15.23 11.96
N GLU A 491 20.13 -16.00 12.15
CA GLU A 491 20.24 -16.85 13.32
C GLU A 491 20.19 -16.00 14.57
N TYR A 492 20.87 -14.86 14.52
CA TYR A 492 20.98 -13.99 15.70
C TYR A 492 20.28 -12.67 15.47
N VAL A 493 19.39 -12.59 14.48
CA VAL A 493 18.88 -11.28 14.08
C VAL A 493 17.38 -11.22 14.03
N ASP A 494 16.80 -10.15 14.53
CA ASP A 494 15.40 -9.88 14.23
C ASP A 494 15.07 -8.39 14.37
N ALA A 495 13.78 -8.06 14.40
CA ALA A 495 13.35 -6.69 14.48
C ALA A 495 14.12 -5.88 15.56
N THR A 496 14.39 -6.51 16.70
CA THR A 496 15.05 -5.84 17.81
C THR A 496 16.50 -5.42 17.51
N ASN A 497 17.18 -6.10 16.58
CA ASN A 497 18.60 -5.75 16.38
C ASN A 497 19.14 -5.56 14.94
N LEU A 498 18.24 -5.73 13.96
CA LEU A 498 18.58 -5.87 12.55
C LEU A 498 19.19 -4.61 11.94
N THR A 499 18.62 -3.45 12.28
CA THR A 499 19.00 -2.17 11.68
C THR A 499 20.35 -1.68 12.15
N PRO A 500 20.51 -1.57 13.48
CA PRO A 500 21.83 -1.11 13.91
C PRO A 500 22.91 -2.14 13.53
N ARG A 501 22.50 -3.36 13.22
CA ARG A 501 23.52 -4.34 12.90
C ARG A 501 23.96 -4.13 11.48
N LEU A 502 22.97 -3.87 10.59
CA LEU A 502 23.16 -3.65 9.15
C LEU A 502 23.84 -2.35 8.84
N TRP A 503 23.48 -1.29 9.56
CA TRP A 503 23.85 0.04 9.12
C TRP A 503 24.64 0.79 10.19
N PRO A 504 25.74 1.48 9.79
CA PRO A 504 26.28 1.71 8.46
C PRO A 504 27.20 0.64 7.86
N ARG A 505 27.31 -0.51 8.53
CA ARG A 505 28.31 -1.51 8.09
C ARG A 505 28.15 -1.90 6.59
N ALA A 506 26.89 -2.10 6.17
CA ALA A 506 26.55 -2.35 4.78
C ALA A 506 26.85 -1.14 3.91
N SER A 507 26.97 0.06 4.48
CA SER A 507 27.27 1.24 3.68
C SER A 507 28.64 1.07 3.06
N ALA A 508 29.59 0.58 3.84
CA ALA A 508 30.95 0.36 3.38
C ALA A 508 30.89 -0.52 2.18
N VAL A 509 30.09 -1.59 2.26
CA VAL A 509 29.89 -2.48 1.08
C VAL A 509 29.27 -1.74 -0.11
N GLY A 510 28.25 -0.93 0.15
CA GLY A 510 27.56 -0.23 -0.90
C GLY A 510 28.50 0.72 -1.65
N GLU A 511 29.38 1.42 -0.94
CA GLU A 511 30.18 2.39 -1.64
C GLU A 511 31.16 1.63 -2.51
N ARG A 512 31.66 0.49 -2.04
CA ARG A 512 32.70 -0.21 -2.77
C ARG A 512 32.12 -0.79 -4.02
N LEU A 513 30.84 -1.12 -3.98
CA LEU A 513 30.21 -1.68 -5.15
C LEU A 513 29.68 -0.61 -6.13
N TRP A 514 29.64 0.65 -5.71
CA TRP A 514 29.19 1.69 -6.62
C TRP A 514 30.34 2.56 -7.14
N SER A 515 31.18 3.08 -6.26
CA SER A 515 32.18 4.08 -6.65
C SER A 515 33.34 3.41 -7.40
N SER A 516 34.30 4.21 -7.86
CA SER A 516 35.52 3.69 -8.49
C SER A 516 36.37 2.85 -7.61
N LYS A 517 36.81 1.75 -8.21
CA LYS A 517 38.02 1.00 -7.91
C LYS A 517 39.04 1.71 -7.04
N ASP A 518 39.33 2.94 -7.36
CA ASP A 518 40.39 3.63 -6.68
C ASP A 518 39.91 4.64 -5.63
N VAL A 519 38.62 4.64 -5.29
CA VAL A 519 38.13 5.43 -4.16
C VAL A 519 38.43 4.66 -2.88
N ARG A 520 39.45 5.11 -2.16
CA ARG A 520 39.83 4.39 -0.95
C ARG A 520 40.64 5.09 0.13
N ASP A 521 40.65 6.41 0.18
CA ASP A 521 41.23 7.10 1.30
C ASP A 521 40.38 6.76 2.51
N MET A 522 41.02 6.07 3.47
CA MET A 522 40.42 5.78 4.75
C MET A 522 39.93 7.02 5.50
N ASP A 523 40.77 8.04 5.62
CA ASP A 523 40.29 9.24 6.35
C ASP A 523 39.05 9.88 5.73
N ASP A 524 38.99 9.89 4.41
CA ASP A 524 37.90 10.54 3.78
C ASP A 524 36.64 9.72 3.93
N ALA A 525 36.76 8.41 3.70
CA ALA A 525 35.69 7.44 3.92
C ALA A 525 35.12 7.61 5.34
N TYR A 526 36.02 7.76 6.32
CA TYR A 526 35.64 7.90 7.71
C TYR A 526 34.79 9.10 7.89
N ASP A 527 35.23 10.13 7.22
CA ASP A 527 34.61 11.38 7.38
C ASP A 527 33.24 11.43 6.74
N ARG A 528 33.13 10.97 5.49
CA ARG A 528 31.81 11.03 4.87
C ARG A 528 30.91 10.03 5.60
N LEU A 529 31.43 8.84 5.89
CA LEU A 529 30.58 7.81 6.49
C LEU A 529 29.93 8.28 7.83
N THR A 530 30.67 8.96 8.69
CA THR A 530 30.13 9.35 10.00
C THR A 530 28.98 10.29 9.73
N ARG A 531 29.17 11.21 8.78
CA ARG A 531 28.16 12.20 8.38
C ARG A 531 26.94 11.57 7.66
N HIS A 532 27.20 10.64 6.75
CA HIS A 532 26.15 9.83 6.12
C HIS A 532 25.27 9.11 7.17
N ARG A 533 25.94 8.51 8.14
CA ARG A 533 25.26 7.79 9.20
C ARG A 533 24.33 8.69 9.98
N CYS A 534 24.76 9.91 10.35
CA CYS A 534 23.85 10.83 11.00
C CYS A 534 22.61 11.16 10.17
N ARG A 535 22.82 11.24 8.86
CA ARG A 535 21.75 11.48 7.91
C ARG A 535 20.75 10.37 7.98
N MET A 536 21.23 9.13 7.90
CA MET A 536 20.37 7.96 8.05
C MET A 536 19.53 7.99 9.34
N VAL A 537 20.19 8.27 10.46
CA VAL A 537 19.53 8.40 11.76
C VAL A 537 18.44 9.48 11.66
N GLU A 538 18.77 10.57 10.98
CA GLU A 538 17.82 11.66 10.81
C GLU A 538 16.61 11.28 9.99
N ARG A 539 16.81 10.32 9.10
CA ARG A 539 15.71 9.87 8.29
C ARG A 539 15.02 8.65 8.93
N GLY A 540 15.35 8.39 10.20
CA GLY A 540 14.73 7.33 10.98
C GLY A 540 15.21 5.91 10.68
N ILE A 541 16.44 5.78 10.22
CA ILE A 541 17.12 4.51 10.22
C ILE A 541 18.03 4.45 11.46
N ALA A 542 17.78 3.51 12.37
CA ALA A 542 18.55 3.51 13.61
C ALA A 542 19.98 2.99 13.41
N ALA A 543 20.74 3.57 12.48
CA ALA A 543 22.03 3.01 12.20
C ALA A 543 23.04 3.34 13.35
N GLN A 544 23.93 2.39 13.63
CA GLN A 544 24.80 2.43 14.83
C GLN A 544 26.02 3.31 14.63
N PRO A 545 26.71 3.67 15.71
CA PRO A 545 27.86 4.56 15.49
C PRO A 545 29.06 3.89 14.77
N LEU A 546 30.01 4.69 14.29
CA LEU A 546 31.29 4.19 13.75
C LEU A 546 32.35 4.22 14.87
N TYR A 547 32.26 5.26 15.70
CA TYR A 547 33.18 5.49 16.77
C TYR A 547 32.61 6.60 17.71
N ALA A 548 33.36 7.03 18.74
CA ALA A 548 32.92 8.05 19.67
C ALA A 548 32.45 9.30 18.91
N GLY A 549 31.53 10.07 19.48
CA GLY A 549 31.04 11.33 18.88
C GLY A 549 29.59 11.64 19.13
N TYR A 550 29.00 12.50 18.30
CA TYR A 550 27.55 12.83 18.38
C TYR A 550 26.96 13.36 17.08
N CYS A 551 25.62 13.52 16.97
CA CYS A 551 25.11 14.30 15.81
C CYS A 551 24.65 15.77 16.02
N ASN A 552 24.67 16.53 14.90
CA ASN A 552 24.08 17.92 14.70
C ASN A 552 25.15 19.03 14.50
N PRO B 54 -20.60 -9.50 25.85
CA PRO B 54 -20.66 -9.04 24.46
C PRO B 54 -21.64 -7.85 24.15
N ALA B 55 -21.14 -6.81 23.46
CA ALA B 55 -21.91 -5.61 23.01
C ALA B 55 -21.94 -5.48 21.47
N LEU B 56 -23.12 -5.62 20.86
CA LEU B 56 -23.26 -5.57 19.40
C LEU B 56 -23.68 -4.19 18.89
N TRP B 57 -22.93 -3.69 17.92
CA TRP B 57 -23.25 -2.43 17.26
C TRP B 57 -22.85 -2.44 15.78
N PRO B 58 -23.80 -2.16 14.87
CA PRO B 58 -25.24 -2.04 15.02
C PRO B 58 -25.81 -3.42 15.38
N LEU B 59 -26.97 -3.43 16.05
CA LEU B 59 -27.64 -4.65 16.43
C LEU B 59 -28.03 -5.47 15.21
N PRO B 60 -27.54 -6.72 15.11
CA PRO B 60 -27.91 -7.58 13.96
C PRO B 60 -29.41 -7.77 13.92
N LEU B 61 -29.95 -8.12 12.76
CA LEU B 61 -31.40 -8.10 12.55
C LEU B 61 -32.09 -9.10 13.45
N SER B 62 -31.50 -10.30 13.52
CA SER B 62 -31.94 -11.40 14.36
C SER B 62 -30.76 -12.00 15.13
N VAL B 63 -30.94 -12.09 16.44
CA VAL B 63 -29.91 -12.58 17.38
C VAL B 63 -30.52 -13.60 18.34
N LYS B 64 -30.02 -14.83 18.34
CA LYS B 64 -30.50 -15.84 19.30
C LYS B 64 -29.36 -16.44 20.13
N MET B 65 -29.18 -15.94 21.35
CA MET B 65 -28.14 -16.44 22.26
C MET B 65 -28.68 -17.53 23.15
N THR B 66 -27.78 -18.44 23.52
CA THR B 66 -28.01 -19.46 24.54
C THR B 66 -27.11 -19.06 25.72
N PRO B 67 -27.24 -19.74 26.86
CA PRO B 67 -26.27 -19.40 27.89
C PRO B 67 -25.01 -20.27 27.90
N ASN B 68 -24.81 -21.11 26.89
CA ASN B 68 -23.60 -21.96 26.81
C ASN B 68 -22.36 -21.23 26.33
N LEU B 69 -21.43 -21.08 27.25
CA LEU B 69 -20.15 -20.44 27.00
C LEU B 69 -19.30 -21.39 26.22
N LEU B 70 -18.61 -20.86 25.22
CA LEU B 70 -17.56 -21.61 24.54
C LEU B 70 -16.23 -20.84 24.69
N HIS B 71 -15.09 -21.47 24.48
CA HIS B 71 -13.81 -20.77 24.69
C HIS B 71 -12.89 -20.83 23.47
N LEU B 72 -11.99 -19.84 23.37
CA LEU B 72 -11.11 -19.73 22.21
C LEU B 72 -9.65 -19.74 22.60
N ALA B 73 -8.85 -20.57 21.94
CA ALA B 73 -7.42 -20.54 22.18
C ALA B 73 -6.65 -19.79 21.07
N PRO B 74 -6.12 -18.59 21.39
CA PRO B 74 -5.40 -17.70 20.44
C PRO B 74 -4.33 -18.33 19.53
N GLU B 75 -3.33 -19.10 20.10
CA GLU B 75 -2.29 -19.61 19.21
C GLU B 75 -2.75 -20.90 18.53
N ASN B 76 -4.12 -20.99 18.40
CA ASN B 76 -4.76 -22.23 18.02
C ASN B 76 -6.20 -22.12 17.41
N PHE B 77 -6.57 -20.95 16.91
CA PHE B 77 -7.90 -20.69 16.44
C PHE B 77 -7.79 -20.12 15.02
N TYR B 78 -8.55 -20.68 14.07
CA TYR B 78 -8.42 -20.26 12.67
C TYR B 78 -9.66 -19.64 12.18
N ILE B 79 -9.50 -18.66 11.31
CA ILE B 79 -10.54 -18.31 10.36
C ILE B 79 -10.08 -18.82 9.00
N SER B 80 -10.91 -19.62 8.35
CA SER B 80 -10.54 -20.19 7.09
C SER B 80 -11.72 -20.44 6.19
N HIS B 81 -11.43 -20.93 4.99
CA HIS B 81 -12.45 -21.08 3.97
C HIS B 81 -13.08 -22.42 4.17
N SER B 82 -14.40 -22.53 4.10
CA SER B 82 -14.95 -23.86 4.29
C SER B 82 -14.82 -24.57 2.94
N PRO B 83 -14.75 -25.92 2.96
CA PRO B 83 -14.44 -26.59 1.69
C PRO B 83 -15.39 -26.32 0.52
N ASN B 84 -16.66 -25.99 0.78
CA ASN B 84 -17.60 -25.78 -0.33
C ASN B 84 -17.84 -24.30 -0.66
N SER B 85 -17.01 -23.43 -0.07
CA SER B 85 -17.05 -21.99 -0.34
C SER B 85 -16.54 -21.68 -1.72
N THR B 86 -17.16 -20.70 -2.38
CA THR B 86 -16.71 -20.26 -3.70
C THR B 86 -15.44 -19.38 -3.63
N ALA B 87 -14.90 -19.20 -2.43
CA ALA B 87 -13.75 -18.33 -2.19
C ALA B 87 -12.47 -19.11 -1.81
N GLY B 88 -11.37 -18.80 -2.49
CA GLY B 88 -10.11 -19.48 -2.26
C GLY B 88 -9.18 -18.72 -1.33
N PRO B 89 -8.02 -19.35 -0.99
CA PRO B 89 -6.92 -18.56 -0.43
C PRO B 89 -6.45 -17.54 -1.45
N SER B 90 -6.44 -17.87 -2.73
CA SER B 90 -6.07 -16.92 -3.80
C SER B 90 -6.87 -15.63 -3.74
N CYS B 91 -7.88 -15.60 -2.89
CA CYS B 91 -8.71 -14.43 -2.72
C CYS B 91 -8.22 -13.45 -1.64
N THR B 92 -7.61 -12.34 -2.06
CA THR B 92 -6.93 -11.41 -1.16
C THR B 92 -7.82 -10.79 -0.06
N LEU B 93 -9.02 -10.37 -0.47
CA LEU B 93 -9.85 -9.51 0.36
C LEU B 93 -10.17 -10.30 1.62
N LEU B 94 -10.42 -11.62 1.44
CA LEU B 94 -10.78 -12.49 2.54
C LEU B 94 -9.55 -12.99 3.32
N GLU B 95 -8.45 -13.27 2.63
CA GLU B 95 -7.22 -13.48 3.33
C GLU B 95 -6.96 -12.32 4.27
N GLU B 96 -6.91 -11.08 3.80
CA GLU B 96 -6.48 -10.01 4.69
C GLU B 96 -7.48 -9.77 5.84
N ALA B 97 -8.77 -9.99 5.56
CA ALA B 97 -9.82 -9.89 6.58
C ALA B 97 -9.65 -10.95 7.70
N PHE B 98 -9.43 -12.19 7.31
CA PHE B 98 -9.13 -13.23 8.28
C PHE B 98 -8.04 -12.76 9.25
N ARG B 99 -6.94 -12.23 8.70
CA ARG B 99 -5.78 -11.86 9.51
C ARG B 99 -6.10 -10.68 10.42
N ARG B 100 -6.65 -9.59 9.89
CA ARG B 100 -6.85 -8.45 10.79
C ARG B 100 -7.90 -8.74 11.86
N TYR B 101 -8.89 -9.60 11.54
CA TYR B 101 -9.86 -9.97 12.56
C TYR B 101 -9.26 -10.81 13.63
N HIS B 102 -8.34 -11.69 13.24
CA HIS B 102 -7.65 -12.46 14.23
C HIS B 102 -7.05 -11.53 15.25
N GLY B 103 -6.29 -10.55 14.78
CA GLY B 103 -5.72 -9.48 15.59
C GLY B 103 -6.75 -8.77 16.45
N TYR B 104 -7.89 -8.38 15.86
CA TYR B 104 -8.97 -7.74 16.63
C TYR B 104 -9.61 -8.63 17.67
N ILE B 105 -9.79 -9.91 17.41
CA ILE B 105 -10.31 -10.77 18.48
C ILE B 105 -9.36 -10.96 19.70
N PHE B 106 -8.06 -11.07 19.49
CA PHE B 106 -7.15 -11.51 20.55
C PHE B 106 -6.16 -10.47 20.99
N GLY B 107 -5.43 -9.85 20.04
CA GLY B 107 -4.49 -8.77 20.37
C GLY B 107 -3.06 -9.25 20.54
N THR B 122 -15.54 -27.22 25.48
CA THR B 122 -16.08 -25.86 25.46
C THR B 122 -15.21 -25.04 24.48
N GLN B 123 -14.59 -25.73 23.50
CA GLN B 123 -13.71 -25.07 22.53
C GLN B 123 -14.26 -24.72 21.12
N VAL B 124 -13.98 -23.52 20.63
CA VAL B 124 -14.19 -23.25 19.22
C VAL B 124 -12.82 -23.25 18.56
N GLN B 125 -12.56 -24.29 17.82
CA GLN B 125 -11.30 -24.46 17.13
C GLN B 125 -11.17 -23.50 15.97
N GLN B 126 -12.28 -23.21 15.32
CA GLN B 126 -12.26 -22.62 13.98
C GLN B 126 -13.50 -21.84 13.69
N LEU B 127 -13.36 -20.93 12.72
CA LEU B 127 -14.48 -20.31 12.04
C LEU B 127 -14.34 -20.50 10.52
N LEU B 128 -15.20 -21.35 9.96
CA LEU B 128 -15.25 -21.60 8.52
C LEU B 128 -16.08 -20.58 7.76
N VAL B 129 -15.50 -19.90 6.79
CA VAL B 129 -16.30 -18.96 6.04
C VAL B 129 -16.73 -19.57 4.69
N SER B 130 -18.05 -19.66 4.51
CA SER B 130 -18.61 -20.17 3.28
C SER B 130 -19.21 -19.00 2.52
N ILE B 131 -18.73 -18.79 1.30
CA ILE B 131 -19.39 -17.89 0.35
C ILE B 131 -20.21 -18.72 -0.65
N THR B 132 -21.53 -18.49 -0.68
CA THR B 132 -22.46 -19.29 -1.46
C THR B 132 -22.51 -19.02 -2.98
N LEU B 133 -22.66 -17.76 -3.37
CA LEU B 133 -22.68 -17.36 -4.79
C LEU B 133 -21.28 -16.92 -5.21
N GLN B 134 -21.10 -16.43 -6.43
CA GLN B 134 -19.79 -15.91 -6.84
C GLN B 134 -19.38 -14.83 -5.89
N SER B 135 -18.20 -15.02 -5.32
CA SER B 135 -17.78 -14.22 -4.18
C SER B 135 -17.66 -12.75 -4.51
N GLU B 136 -17.11 -12.42 -5.67
CA GLU B 136 -16.82 -11.03 -6.08
C GLU B 136 -15.61 -10.44 -5.33
N CYS B 137 -14.68 -11.28 -4.86
CA CYS B 137 -13.38 -10.82 -4.28
C CYS B 137 -12.79 -9.72 -5.06
N ASP B 138 -12.96 -9.78 -6.38
CA ASP B 138 -12.14 -8.97 -7.24
C ASP B 138 -12.80 -7.70 -7.73
N ALA B 139 -14.08 -7.54 -7.42
CA ALA B 139 -14.85 -6.34 -7.78
C ALA B 139 -14.84 -5.23 -6.70
N PHE B 140 -15.42 -4.08 -7.06
CA PHE B 140 -15.71 -3.03 -6.12
C PHE B 140 -17.12 -3.22 -5.71
N PRO B 141 -17.44 -2.86 -4.47
CA PRO B 141 -18.87 -2.92 -4.15
C PRO B 141 -19.68 -1.80 -4.90
N ASN B 142 -20.98 -2.00 -5.05
CA ASN B 142 -21.80 -1.02 -5.71
C ASN B 142 -23.12 -0.85 -4.93
N ILE B 143 -23.94 0.12 -5.30
CA ILE B 143 -25.10 0.42 -4.50
C ILE B 143 -25.98 -0.81 -4.17
N SER B 144 -25.80 -1.91 -4.87
CA SER B 144 -26.62 -3.07 -4.51
C SER B 144 -25.86 -4.35 -4.22
N SER B 145 -24.60 -4.25 -3.83
CA SER B 145 -23.89 -5.44 -3.36
C SER B 145 -24.61 -6.06 -2.16
N ASP B 146 -24.51 -7.36 -2.03
CA ASP B 146 -25.28 -8.09 -1.04
C ASP B 146 -24.48 -8.26 0.26
N GLU B 147 -25.01 -7.69 1.34
CA GLU B 147 -24.28 -7.61 2.58
C GLU B 147 -24.89 -8.51 3.62
N SER B 148 -25.73 -9.44 3.18
CA SER B 148 -26.40 -10.34 4.11
C SER B 148 -25.40 -11.43 4.53
N TYR B 149 -25.61 -12.01 5.72
CA TYR B 149 -24.84 -13.15 6.21
C TYR B 149 -25.62 -13.86 7.36
N THR B 150 -25.24 -15.11 7.64
CA THR B 150 -25.61 -15.72 8.92
C THR B 150 -24.41 -16.38 9.59
N LEU B 151 -24.52 -16.52 10.86
CA LEU B 151 -23.43 -16.86 11.76
C LEU B 151 -23.88 -17.89 12.79
N LEU B 152 -23.35 -19.07 12.76
CA LEU B 152 -23.71 -20.08 13.72
C LEU B 152 -22.53 -20.32 14.71
N VAL B 153 -22.64 -19.83 15.93
CA VAL B 153 -21.58 -20.03 16.92
C VAL B 153 -21.84 -21.33 17.69
N LYS B 154 -21.15 -22.38 17.28
CA LYS B 154 -21.41 -23.72 17.78
C LYS B 154 -20.09 -24.47 17.83
N GLU B 155 -20.08 -25.56 18.57
CA GLU B 155 -18.86 -26.34 18.75
C GLU B 155 -18.83 -27.63 17.88
N PRO B 156 -17.67 -27.96 17.26
CA PRO B 156 -16.34 -27.41 17.48
C PRO B 156 -15.98 -26.30 16.49
N VAL B 157 -16.81 -26.09 15.47
CA VAL B 157 -16.53 -25.13 14.41
C VAL B 157 -17.71 -24.17 14.20
N ALA B 158 -17.46 -22.88 14.39
CA ALA B 158 -18.44 -21.86 14.05
C ALA B 158 -18.42 -21.60 12.55
N VAL B 159 -19.55 -21.26 11.99
CA VAL B 159 -19.71 -21.07 10.57
C VAL B 159 -20.27 -19.68 10.25
N LEU B 160 -19.53 -18.95 9.44
CA LEU B 160 -20.00 -17.74 8.78
C LEU B 160 -20.34 -18.09 7.33
N LYS B 161 -21.64 -17.97 7.01
CA LYS B 161 -22.12 -18.22 5.67
C LYS B 161 -22.58 -16.90 5.06
N ALA B 162 -22.17 -16.61 3.82
CA ALA B 162 -22.70 -15.39 3.16
C ALA B 162 -22.78 -15.58 1.67
N ASN B 163 -23.73 -14.88 1.08
CA ASN B 163 -23.83 -14.91 -0.38
C ASN B 163 -22.63 -14.42 -1.15
N ARG B 164 -22.00 -13.39 -0.60
CA ARG B 164 -20.87 -12.73 -1.23
C ARG B 164 -19.92 -12.38 -0.14
N VAL B 165 -18.70 -12.17 -0.58
CA VAL B 165 -17.63 -11.56 0.15
C VAL B 165 -18.14 -10.41 1.05
N TRP B 166 -19.14 -9.64 0.58
CA TRP B 166 -19.55 -8.43 1.34
C TRP B 166 -20.20 -8.76 2.68
N GLY B 167 -21.12 -9.74 2.70
CA GLY B 167 -21.69 -10.24 3.95
C GLY B 167 -20.64 -10.91 4.86
N ALA B 168 -19.74 -11.71 4.29
CA ALA B 168 -18.63 -12.23 5.08
C ALA B 168 -17.93 -11.07 5.81
N LEU B 169 -17.62 -10.00 5.09
CA LEU B 169 -16.88 -8.94 5.70
C LEU B 169 -17.64 -8.40 6.89
N ARG B 170 -18.97 -8.33 6.82
CA ARG B 170 -19.71 -7.79 7.97
C ARG B 170 -19.83 -8.85 9.05
N GLY B 171 -20.10 -10.06 8.63
CA GLY B 171 -20.03 -11.21 9.52
C GLY B 171 -18.86 -11.17 10.49
N LEU B 172 -17.64 -11.16 9.96
CA LEU B 172 -16.42 -11.00 10.76
C LEU B 172 -16.53 -9.94 11.81
N GLU B 173 -17.03 -8.77 11.45
CA GLU B 173 -17.17 -7.71 12.44
C GLU B 173 -18.12 -8.15 13.55
N THR B 174 -19.29 -8.65 13.16
CA THR B 174 -20.25 -9.16 14.15
C THR B 174 -19.63 -10.23 15.05
N PHE B 175 -18.98 -11.21 14.44
CA PHE B 175 -18.23 -12.18 15.19
C PHE B 175 -17.27 -11.55 16.18
N SER B 176 -16.38 -10.65 15.73
CA SER B 176 -15.41 -10.01 16.65
C SER B 176 -16.10 -9.36 17.83
N GLN B 177 -17.28 -8.83 17.59
CA GLN B 177 -18.05 -8.23 18.65
C GLN B 177 -18.52 -9.23 19.73
N LEU B 178 -18.67 -10.51 19.37
CA LEU B 178 -19.23 -11.48 20.33
C LEU B 178 -18.18 -12.04 21.27
N VAL B 179 -16.95 -12.15 20.82
CA VAL B 179 -15.87 -12.75 21.66
C VAL B 179 -15.39 -11.78 22.75
N TYR B 180 -15.37 -12.20 24.01
CA TYR B 180 -15.04 -11.27 25.10
C TYR B 180 -14.24 -12.06 26.11
N GLN B 181 -13.40 -11.41 26.90
CA GLN B 181 -12.75 -12.17 27.98
C GLN B 181 -13.56 -12.16 29.27
N ASP B 182 -13.61 -13.25 30.04
CA ASP B 182 -14.21 -13.19 31.38
C ASP B 182 -13.22 -12.56 32.38
N SER B 183 -13.52 -12.73 33.67
CA SER B 183 -12.77 -12.09 34.77
C SER B 183 -11.34 -12.53 34.88
N TYR B 184 -11.08 -13.74 34.41
CA TYR B 184 -9.81 -14.39 34.56
C TYR B 184 -8.96 -14.32 33.29
N GLY B 185 -9.54 -13.69 32.28
CA GLY B 185 -8.84 -13.38 31.04
C GLY B 185 -9.29 -14.31 29.95
N THR B 186 -10.10 -15.28 30.31
CA THR B 186 -10.43 -16.36 29.39
C THR B 186 -11.28 -15.89 28.23
N PHE B 187 -10.84 -16.21 27.02
CA PHE B 187 -11.62 -15.84 25.81
C PHE B 187 -12.86 -16.69 25.76
N THR B 188 -13.97 -16.06 25.44
CA THR B 188 -15.30 -16.66 25.56
C THR B 188 -16.23 -16.16 24.49
N ILE B 189 -17.20 -16.99 24.13
CA ILE B 189 -18.29 -16.61 23.26
C ILE B 189 -19.45 -17.53 23.59
N ASN B 190 -20.67 -17.00 23.57
CA ASN B 190 -21.84 -17.83 23.78
C ASN B 190 -22.27 -18.57 22.51
N GLU B 191 -22.74 -19.81 22.62
CA GLU B 191 -23.42 -20.45 21.49
C GLU B 191 -24.55 -19.54 21.06
N SER B 192 -24.75 -19.43 19.74
CA SER B 192 -25.73 -18.47 19.17
C SER B 192 -25.86 -18.50 17.66
N THR B 193 -27.05 -18.16 17.17
CA THR B 193 -27.34 -17.97 15.74
C THR B 193 -27.65 -16.52 15.48
N ILE B 194 -26.99 -15.96 14.48
CA ILE B 194 -27.23 -14.60 14.08
C ILE B 194 -27.66 -14.56 12.62
N ILE B 195 -28.82 -13.97 12.38
CA ILE B 195 -29.21 -13.66 11.02
C ILE B 195 -29.24 -12.12 10.80
N ASP B 196 -28.47 -11.63 9.82
CA ASP B 196 -28.32 -10.19 9.62
C ASP B 196 -28.31 -9.64 8.17
N SER B 197 -28.88 -8.46 7.99
CA SER B 197 -28.71 -7.70 6.75
C SER B 197 -29.08 -6.23 6.98
N PRO B 198 -28.53 -5.33 6.14
CA PRO B 198 -28.79 -3.91 6.29
C PRO B 198 -30.20 -3.53 5.92
N ARG B 199 -30.82 -2.70 6.75
CA ARG B 199 -32.10 -2.07 6.40
C ARG B 199 -31.95 -1.25 5.13
N PHE B 200 -30.84 -0.50 4.99
CA PHE B 200 -30.61 0.37 3.84
C PHE B 200 -29.30 0.05 3.21
N SER B 201 -29.15 0.42 1.95
CA SER B 201 -27.98 0.04 1.18
C SER B 201 -26.90 1.12 1.10
N HIS B 202 -27.31 2.39 1.13
CA HIS B 202 -26.35 3.46 1.00
C HIS B 202 -26.26 4.11 2.35
N ARG B 203 -25.16 3.80 3.05
CA ARG B 203 -24.93 4.24 4.42
C ARG B 203 -23.58 4.91 4.44
N GLY B 204 -23.56 6.25 4.34
CA GLY B 204 -22.29 6.99 4.14
C GLY B 204 -21.78 7.94 5.21
N ILE B 205 -20.53 8.37 5.04
CA ILE B 205 -19.84 9.37 5.87
C ILE B 205 -19.28 10.34 4.87
N LEU B 206 -19.55 11.64 5.05
CA LEU B 206 -18.94 12.66 4.20
C LEU B 206 -17.72 13.31 4.88
N ILE B 207 -16.61 13.40 4.18
CA ILE B 207 -15.47 14.11 4.76
C ILE B 207 -15.09 15.23 3.83
N ASP B 208 -14.58 16.31 4.42
CA ASP B 208 -14.31 17.50 3.65
C ASP B 208 -12.79 17.68 3.66
N THR B 209 -12.13 17.55 2.51
CA THR B 209 -10.64 17.62 2.49
C THR B 209 -10.13 18.90 1.86
N SER B 210 -11.04 19.86 1.71
CA SER B 210 -10.70 21.07 1.05
C SER B 210 -10.56 22.18 2.08
N ARG B 211 -11.45 22.19 3.07
CA ARG B 211 -11.49 23.28 4.06
C ARG B 211 -10.29 23.10 5.00
N HIS B 212 -10.03 21.82 5.33
CA HIS B 212 -8.73 21.37 5.78
C HIS B 212 -8.23 20.20 4.97
N TYR B 213 -6.94 20.08 4.78
CA TYR B 213 -6.44 18.89 4.12
C TYR B 213 -6.35 17.76 5.13
N LEU B 214 -6.75 16.56 4.77
CA LEU B 214 -6.59 15.44 5.66
C LEU B 214 -5.49 14.53 5.13
N PRO B 215 -4.47 14.24 5.98
CA PRO B 215 -3.45 13.27 5.50
C PRO B 215 -4.06 11.88 5.31
N VAL B 216 -3.76 11.25 4.18
CA VAL B 216 -4.18 9.90 3.86
C VAL B 216 -4.39 8.95 5.10
N LYS B 217 -3.33 8.79 5.92
CA LYS B 217 -3.36 8.11 7.23
C LYS B 217 -4.66 8.29 8.05
N ILE B 218 -5.23 9.50 8.04
CA ILE B 218 -6.43 9.71 8.85
C ILE B 218 -7.68 9.32 8.06
N ILE B 219 -7.63 9.43 6.73
CA ILE B 219 -8.68 8.84 5.87
C ILE B 219 -8.73 7.31 6.04
N LEU B 220 -7.57 6.68 6.20
CA LEU B 220 -7.54 5.25 6.43
C LEU B 220 -8.06 4.87 7.82
N LYS B 221 -7.73 5.62 8.87
CA LYS B 221 -8.31 5.29 10.17
C LYS B 221 -9.82 5.44 10.11
N THR B 222 -10.31 6.40 9.32
CA THR B 222 -11.75 6.59 9.19
C THR B 222 -12.40 5.43 8.48
N LEU B 223 -11.74 4.93 7.43
CA LEU B 223 -12.26 3.77 6.73
C LEU B 223 -12.39 2.59 7.72
N ASP B 224 -11.43 2.47 8.63
CA ASP B 224 -11.51 1.42 9.65
C ASP B 224 -12.69 1.55 10.62
N ALA B 225 -12.97 2.78 11.02
CA ALA B 225 -14.04 3.06 11.98
C ALA B 225 -15.33 2.81 11.28
N MET B 226 -15.37 3.18 10.01
CA MET B 226 -16.51 2.88 9.19
C MET B 226 -16.77 1.36 9.13
N ALA B 227 -15.76 0.58 8.75
CA ALA B 227 -15.80 -0.87 8.83
C ALA B 227 -16.40 -1.38 10.13
N PHE B 228 -15.76 -1.02 11.24
CA PHE B 228 -16.27 -1.34 12.56
C PHE B 228 -17.75 -1.03 12.77
N ASN B 229 -18.29 -0.02 12.06
CA ASN B 229 -19.68 0.41 12.17
C ASN B 229 -20.56 -0.04 11.01
N LYS B 230 -20.07 -0.90 10.13
CA LYS B 230 -20.79 -1.32 8.93
C LYS B 230 -21.33 -0.19 8.02
N PHE B 231 -20.61 0.94 7.95
CA PHE B 231 -20.87 1.94 6.91
C PHE B 231 -20.23 1.41 5.65
N ASN B 232 -20.75 1.78 4.48
CA ASN B 232 -20.21 1.24 3.21
C ASN B 232 -20.04 2.29 2.06
N VAL B 233 -20.10 3.56 2.37
CA VAL B 233 -19.86 4.60 1.38
C VAL B 233 -19.01 5.73 1.98
N LEU B 234 -17.87 6.04 1.34
CA LEU B 234 -17.12 7.24 1.76
C LEU B 234 -17.38 8.33 0.75
N HIS B 235 -18.16 9.34 1.17
CA HIS B 235 -18.56 10.44 0.33
C HIS B 235 -17.47 11.48 0.50
N TRP B 236 -16.57 11.55 -0.48
CA TRP B 236 -15.32 12.25 -0.35
C TRP B 236 -15.38 13.63 -0.98
N HIS B 237 -15.82 14.62 -0.21
CA HIS B 237 -15.95 16.02 -0.71
C HIS B 237 -14.51 16.56 -0.84
N ILE B 238 -13.89 16.28 -1.98
CA ILE B 238 -12.45 16.37 -2.13
C ILE B 238 -11.95 17.83 -2.39
N VAL B 239 -12.75 18.60 -3.13
CA VAL B 239 -12.40 19.97 -3.49
C VAL B 239 -13.51 20.93 -3.06
N ASP B 240 -13.16 22.19 -2.93
CA ASP B 240 -14.14 23.21 -2.60
C ASP B 240 -13.47 24.56 -2.78
N ASP B 241 -14.04 25.62 -2.22
CA ASP B 241 -13.55 26.98 -2.42
C ASP B 241 -12.15 27.16 -1.96
N GLN B 242 -11.80 26.64 -0.79
CA GLN B 242 -10.63 27.14 -0.09
C GLN B 242 -9.34 26.55 -0.64
N SER B 243 -9.45 25.45 -1.40
CA SER B 243 -8.27 24.64 -1.82
C SER B 243 -8.64 23.43 -2.67
N PHE B 244 -7.70 23.06 -3.51
CA PHE B 244 -7.89 22.01 -4.49
C PHE B 244 -6.77 20.96 -4.34
N PRO B 245 -6.94 20.04 -3.38
CA PRO B 245 -5.90 19.03 -3.15
C PRO B 245 -5.87 17.88 -4.18
N TYR B 246 -6.96 17.64 -4.93
CA TYR B 246 -7.01 16.60 -5.99
C TYR B 246 -6.03 16.81 -7.15
N GLN B 247 -5.09 15.91 -7.33
CA GLN B 247 -4.11 16.12 -8.38
C GLN B 247 -4.62 15.52 -9.66
N SER B 248 -4.87 16.37 -10.66
CA SER B 248 -5.37 15.95 -11.94
C SER B 248 -4.21 15.75 -12.90
N ILE B 249 -4.26 14.64 -13.63
CA ILE B 249 -3.17 14.30 -14.52
C ILE B 249 -3.37 15.15 -15.78
N THR B 250 -4.63 15.25 -16.21
CA THR B 250 -4.95 16.00 -17.41
C THR B 250 -4.91 17.53 -17.19
N PHE B 251 -5.09 18.01 -15.95
CA PHE B 251 -4.89 19.43 -15.63
C PHE B 251 -4.01 19.63 -14.39
N PRO B 252 -2.70 19.50 -14.53
CA PRO B 252 -1.80 19.67 -13.39
C PRO B 252 -1.94 21.04 -12.70
N GLU B 253 -2.38 22.04 -13.43
CA GLU B 253 -2.44 23.35 -12.81
C GLU B 253 -3.51 23.46 -11.76
N LEU B 254 -4.53 22.60 -11.84
CA LEU B 254 -5.56 22.58 -10.82
C LEU B 254 -4.94 22.47 -9.43
N SER B 255 -4.07 21.49 -9.19
CA SER B 255 -3.60 21.35 -7.84
C SER B 255 -2.37 22.21 -7.62
N ASN B 256 -1.51 22.28 -8.63
CA ASN B 256 -0.34 23.11 -8.55
C ASN B 256 -0.68 24.52 -8.09
N LYS B 257 -1.71 25.12 -8.69
CA LYS B 257 -2.15 26.47 -8.36
C LYS B 257 -3.25 26.55 -7.30
N GLY B 258 -3.95 25.45 -7.03
CA GLY B 258 -5.15 25.46 -6.17
C GLY B 258 -5.05 24.81 -4.80
N SER B 259 -4.10 23.89 -4.62
CA SER B 259 -3.82 23.25 -3.32
C SER B 259 -3.34 24.24 -2.27
N TYR B 260 -3.27 23.85 -1.01
CA TYR B 260 -2.75 24.75 0.02
C TYR B 260 -1.28 24.94 -0.10
N SER B 261 -0.58 23.88 -0.47
CA SER B 261 0.87 23.84 -0.68
C SER B 261 1.10 22.54 -1.40
N LEU B 262 2.35 22.31 -1.80
CA LEU B 262 2.71 21.12 -2.57
C LEU B 262 2.61 19.90 -1.69
N SER B 263 2.63 20.10 -0.37
CA SER B 263 2.48 18.94 0.50
C SER B 263 1.09 18.75 1.10
N HIS B 264 0.06 19.23 0.41
CA HIS B 264 -1.30 19.02 0.82
C HIS B 264 -2.08 18.68 -0.45
N VAL B 265 -1.68 17.60 -1.08
CA VAL B 265 -2.20 17.22 -2.38
C VAL B 265 -2.58 15.74 -2.25
N TYR B 266 -3.40 15.20 -3.15
CA TYR B 266 -3.59 13.76 -3.21
C TYR B 266 -3.09 13.34 -4.59
N THR B 267 -1.95 12.62 -4.62
CA THR B 267 -1.44 12.07 -5.87
C THR B 267 -2.36 10.96 -6.34
N PRO B 268 -2.23 10.60 -7.62
CA PRO B 268 -2.98 9.51 -8.20
C PRO B 268 -2.80 8.28 -7.34
N ASN B 269 -1.65 8.17 -6.69
CA ASN B 269 -1.35 7.00 -5.92
C ASN B 269 -2.01 6.97 -4.55
N ASP B 270 -2.00 8.10 -3.85
CA ASP B 270 -2.86 8.29 -2.66
C ASP B 270 -4.29 7.88 -2.97
N VAL B 271 -4.87 8.48 -4.02
CA VAL B 271 -6.28 8.24 -4.38
C VAL B 271 -6.49 6.71 -4.65
N ARG B 272 -5.46 6.07 -5.19
CA ARG B 272 -5.55 4.65 -5.49
C ARG B 272 -5.53 3.85 -4.24
N MET B 273 -4.76 4.35 -3.29
CA MET B 273 -4.63 3.70 -2.02
C MET B 273 -5.92 3.76 -1.21
N VAL B 274 -6.57 4.93 -1.20
CA VAL B 274 -7.77 5.13 -0.40
C VAL B 274 -8.86 4.23 -0.99
N ILE B 275 -8.98 4.23 -2.32
CA ILE B 275 -9.92 3.37 -3.01
C ILE B 275 -9.72 1.86 -2.72
N GLU B 276 -8.48 1.36 -2.77
CA GLU B 276 -8.27 -0.05 -2.52
C GLU B 276 -8.49 -0.42 -1.06
N TYR B 277 -8.08 0.45 -0.17
CA TYR B 277 -8.25 0.21 1.23
C TYR B 277 -9.74 0.16 1.49
N ALA B 278 -10.51 1.04 0.83
CA ALA B 278 -11.94 1.02 1.07
C ALA B 278 -12.52 -0.27 0.53
N ARG B 279 -12.12 -0.66 -0.67
CA ARG B 279 -12.65 -1.85 -1.32
C ARG B 279 -12.47 -3.07 -0.44
N LEU B 280 -11.28 -3.22 0.16
CA LEU B 280 -10.92 -4.33 1.06
C LEU B 280 -11.75 -4.38 2.31
N ARG B 281 -12.55 -3.34 2.49
CA ARG B 281 -13.43 -3.27 3.63
C ARG B 281 -14.85 -3.15 3.15
N GLY B 282 -15.10 -3.44 1.89
CA GLY B 282 -16.45 -3.30 1.35
C GLY B 282 -17.01 -1.87 1.39
N ILE B 283 -16.15 -0.86 1.27
CA ILE B 283 -16.60 0.52 1.27
C ILE B 283 -16.39 1.15 -0.10
N ARG B 284 -17.42 1.83 -0.59
CA ARG B 284 -17.40 2.54 -1.85
C ARG B 284 -16.73 3.91 -1.74
N VAL B 285 -15.93 4.31 -2.72
CA VAL B 285 -15.47 5.69 -2.75
C VAL B 285 -16.27 6.53 -3.78
N LEU B 286 -17.13 7.38 -3.25
CA LEU B 286 -17.93 8.30 -4.02
C LEU B 286 -17.28 9.70 -4.07
N PRO B 287 -16.74 10.10 -5.23
CA PRO B 287 -16.11 11.42 -5.22
C PRO B 287 -17.15 12.54 -5.41
N GLU B 288 -16.95 13.67 -4.74
CA GLU B 288 -17.73 14.86 -5.06
C GLU B 288 -16.81 15.91 -5.65
N PHE B 289 -17.17 16.39 -6.84
CA PHE B 289 -16.57 17.59 -7.46
C PHE B 289 -17.63 18.64 -7.67
N ASP B 290 -17.83 19.38 -6.60
CA ASP B 290 -18.94 20.29 -6.49
C ASP B 290 -18.77 21.46 -7.51
N THR B 291 -19.88 21.77 -8.19
CA THR B 291 -19.94 22.83 -9.20
C THR B 291 -21.42 23.26 -9.30
N PRO B 292 -21.71 24.48 -9.79
CA PRO B 292 -20.81 25.52 -10.31
C PRO B 292 -20.24 26.38 -9.20
N GLY B 293 -20.82 26.29 -7.99
CA GLY B 293 -20.33 27.00 -6.82
C GLY B 293 -19.29 26.22 -6.04
N HIS B 294 -18.83 26.76 -4.93
CA HIS B 294 -17.75 26.12 -4.18
C HIS B 294 -16.52 25.77 -5.07
N THR B 295 -16.29 26.58 -6.10
CA THR B 295 -15.32 26.24 -7.11
C THR B 295 -14.22 27.28 -7.16
N LEU B 296 -14.23 28.21 -6.21
CA LEU B 296 -13.17 29.23 -6.09
C LEU B 296 -11.71 28.73 -6.31
N SER B 297 -11.34 27.58 -5.79
CA SER B 297 -9.97 27.16 -5.95
C SER B 297 -9.65 26.62 -7.36
N TRP B 298 -10.67 26.17 -8.09
CA TRP B 298 -10.43 25.73 -9.47
C TRP B 298 -9.96 26.88 -10.35
N GLY B 299 -10.32 28.09 -9.95
CA GLY B 299 -9.95 29.29 -10.67
C GLY B 299 -8.47 29.47 -10.89
N LYS B 300 -7.68 29.20 -9.86
CA LYS B 300 -6.28 29.59 -9.88
C LYS B 300 -5.51 28.94 -11.04
N GLY B 301 -5.88 27.70 -11.39
CA GLY B 301 -5.15 26.91 -12.39
C GLY B 301 -5.91 26.73 -13.68
N GLN B 302 -6.93 27.55 -13.87
CA GLN B 302 -7.79 27.43 -15.05
C GLN B 302 -8.40 28.81 -15.42
N LYS B 303 -7.79 29.52 -16.36
CA LYS B 303 -8.28 30.87 -16.69
C LYS B 303 -9.63 30.82 -17.42
N ASP B 304 -10.45 31.80 -17.11
CA ASP B 304 -11.71 31.93 -17.77
C ASP B 304 -12.69 30.87 -17.34
N LEU B 305 -12.30 30.03 -16.39
CA LEU B 305 -13.30 29.18 -15.83
C LEU B 305 -14.23 29.98 -14.90
N LEU B 306 -13.69 30.76 -13.99
CA LEU B 306 -14.55 31.47 -13.06
C LEU B 306 -15.09 32.79 -13.59
N THR B 307 -16.39 32.99 -13.42
CA THR B 307 -17.06 34.26 -13.69
C THR B 307 -16.49 35.41 -12.87
N PRO B 308 -16.00 36.45 -13.55
CA PRO B 308 -15.52 37.67 -12.88
C PRO B 308 -16.66 38.52 -12.35
N CYS B 309 -16.58 38.93 -11.09
CA CYS B 309 -17.60 39.83 -10.54
C CYS B 309 -17.18 41.27 -10.75
N TYR B 310 -18.14 42.13 -11.11
CA TYR B 310 -17.90 43.54 -11.28
C TYR B 310 -18.43 44.34 -10.09
N SER B 311 -17.66 45.36 -9.70
CA SER B 311 -17.94 46.22 -8.56
C SER B 311 -17.70 47.69 -8.94
N ASP B 317 -16.12 40.69 -4.63
CA ASP B 317 -15.13 39.61 -4.79
C ASP B 317 -14.67 39.53 -6.23
N SER B 318 -13.44 39.12 -6.43
CA SER B 318 -12.98 39.03 -7.78
C SER B 318 -13.79 38.00 -8.54
N PHE B 319 -14.09 36.84 -7.95
CA PHE B 319 -14.70 35.75 -8.73
C PHE B 319 -15.87 35.07 -8.10
N GLY B 320 -16.78 34.62 -8.96
CA GLY B 320 -17.94 33.83 -8.52
C GLY B 320 -18.02 32.45 -9.18
N PRO B 321 -19.24 31.87 -9.28
CA PRO B 321 -19.37 30.50 -9.79
C PRO B 321 -18.69 30.26 -11.15
N ILE B 322 -18.55 29.01 -11.56
CA ILE B 322 -18.05 28.74 -12.91
C ILE B 322 -18.96 29.49 -13.87
N ASN B 323 -18.37 30.03 -14.93
CA ASN B 323 -19.10 30.73 -15.97
C ASN B 323 -19.80 29.75 -16.93
N PRO B 324 -21.13 29.76 -16.88
CA PRO B 324 -21.90 28.75 -17.61
C PRO B 324 -22.11 29.08 -19.07
N THR B 325 -21.44 30.10 -19.60
CA THR B 325 -21.73 30.55 -20.97
C THR B 325 -20.66 30.28 -22.02
N LEU B 326 -19.47 29.85 -21.60
CA LEU B 326 -18.33 29.60 -22.52
C LEU B 326 -18.19 28.15 -23.03
N ASN B 327 -17.80 28.02 -24.30
CA ASN B 327 -17.45 26.71 -24.84
C ASN B 327 -16.31 26.12 -24.01
N THR B 328 -15.29 26.92 -23.75
CA THR B 328 -14.13 26.49 -22.96
C THR B 328 -14.54 25.83 -21.64
N THR B 329 -15.56 26.36 -20.96
CA THR B 329 -16.08 25.78 -19.74
C THR B 329 -16.53 24.31 -19.89
N TYR B 330 -17.43 24.03 -20.82
CA TYR B 330 -17.91 22.66 -20.99
C TYR B 330 -16.87 21.76 -21.66
N SER B 331 -15.95 22.37 -22.41
CA SER B 331 -14.74 21.70 -22.91
C SER B 331 -14.01 21.03 -21.79
N PHE B 332 -13.38 21.87 -20.98
CA PHE B 332 -12.72 21.49 -19.76
C PHE B 332 -13.53 20.48 -18.92
N LEU B 333 -14.77 20.81 -18.61
CA LEU B 333 -15.58 19.91 -17.85
C LEU B 333 -15.70 18.50 -18.49
N THR B 334 -15.62 18.36 -19.81
CA THR B 334 -15.69 17.01 -20.36
C THR B 334 -14.39 16.27 -20.08
N THR B 335 -13.28 16.81 -20.56
CA THR B 335 -11.99 16.25 -20.27
C THR B 335 -11.83 15.92 -18.78
N PHE B 336 -12.26 16.84 -17.91
CA PHE B 336 -12.11 16.61 -16.48
C PHE B 336 -12.89 15.39 -15.99
N PHE B 337 -14.18 15.31 -16.34
CA PHE B 337 -15.00 14.20 -15.86
C PHE B 337 -14.71 12.88 -16.60
N LYS B 338 -14.15 12.98 -17.79
CA LYS B 338 -13.58 11.83 -18.44
C LYS B 338 -12.53 11.18 -17.53
N GLU B 339 -11.65 11.98 -16.93
CA GLU B 339 -10.59 11.47 -16.07
C GLU B 339 -11.22 10.88 -14.83
N ILE B 340 -12.04 11.68 -14.17
CA ILE B 340 -12.71 11.27 -12.95
C ILE B 340 -13.41 9.92 -13.14
N SER B 341 -14.09 9.76 -14.28
CA SER B 341 -14.77 8.50 -14.61
C SER B 341 -13.82 7.29 -14.65
N GLU B 342 -12.58 7.52 -15.07
CA GLU B 342 -11.59 6.45 -15.11
C GLU B 342 -10.88 6.34 -13.79
N VAL B 343 -10.76 7.44 -13.04
CA VAL B 343 -9.99 7.38 -11.77
C VAL B 343 -10.77 6.73 -10.60
N PHE B 344 -12.00 7.16 -10.36
CA PHE B 344 -12.83 6.49 -9.39
C PHE B 344 -13.70 5.44 -10.05
N PRO B 345 -13.53 4.17 -9.64
CA PRO B 345 -14.27 3.01 -10.13
C PRO B 345 -15.75 2.98 -9.78
N ASP B 346 -16.16 3.74 -8.75
CA ASP B 346 -17.58 3.74 -8.38
C ASP B 346 -18.51 4.15 -9.51
N GLN B 347 -19.69 3.57 -9.49
CA GLN B 347 -20.78 3.91 -10.40
C GLN B 347 -21.11 5.42 -10.40
N PHE B 348 -21.31 6.03 -9.24
CA PHE B 348 -21.81 7.42 -9.16
C PHE B 348 -20.72 8.46 -8.91
N ILE B 349 -20.92 9.66 -9.47
CA ILE B 349 -20.14 10.86 -9.15
C ILE B 349 -21.15 11.87 -8.61
N HIS B 350 -20.78 12.57 -7.54
CA HIS B 350 -21.58 13.59 -6.93
C HIS B 350 -21.20 14.86 -7.60
N LEU B 351 -22.13 15.45 -8.34
CA LEU B 351 -21.91 16.72 -9.04
C LEU B 351 -22.06 17.92 -8.11
N GLY B 352 -22.76 17.71 -7.00
CA GLY B 352 -23.01 18.79 -6.04
C GLY B 352 -24.26 19.60 -6.35
N GLY B 353 -24.05 20.88 -6.66
CA GLY B 353 -25.08 21.76 -7.21
C GLY B 353 -25.68 22.60 -6.12
N ASP B 354 -24.96 22.72 -5.00
CA ASP B 354 -25.47 23.36 -3.77
C ASP B 354 -25.06 24.83 -3.57
N GLU B 355 -25.91 25.60 -2.87
CA GLU B 355 -25.62 26.96 -2.39
C GLU B 355 -25.02 27.92 -3.44
N VAL B 356 -25.60 27.98 -4.64
CA VAL B 356 -25.08 28.86 -5.71
C VAL B 356 -25.48 30.34 -5.57
N GLU B 357 -24.45 31.20 -5.55
CA GLU B 357 -24.59 32.64 -5.33
C GLU B 357 -24.90 33.37 -6.63
N PHE B 358 -25.98 34.16 -6.69
CA PHE B 358 -26.37 34.81 -7.95
C PHE B 358 -25.86 36.25 -8.13
N LYS B 359 -25.50 36.91 -7.02
CA LYS B 359 -25.13 38.33 -7.03
C LYS B 359 -24.01 38.59 -7.98
N CYS B 360 -23.19 37.56 -8.15
CA CYS B 360 -22.03 37.68 -8.95
C CYS B 360 -22.37 37.67 -10.42
N TRP B 361 -22.96 36.57 -10.90
CA TRP B 361 -23.53 36.54 -12.25
C TRP B 361 -24.34 37.79 -12.60
N GLU B 362 -25.21 38.19 -11.67
CA GLU B 362 -26.11 39.36 -11.87
C GLU B 362 -25.32 40.61 -12.30
N SER B 363 -24.11 40.74 -11.75
CA SER B 363 -23.24 41.91 -11.90
C SER B 363 -22.45 41.93 -13.17
N ASN B 364 -22.33 40.77 -13.79
CA ASN B 364 -21.44 40.62 -14.92
C ASN B 364 -22.22 40.90 -16.18
N PRO B 365 -21.66 41.74 -17.07
CA PRO B 365 -22.55 42.11 -18.16
C PRO B 365 -22.53 41.14 -19.36
N LYS B 366 -21.47 40.34 -19.54
CA LYS B 366 -21.49 39.25 -20.54
C LYS B 366 -22.55 38.19 -20.18
N ILE B 367 -22.83 38.06 -18.89
CA ILE B 367 -23.90 37.17 -18.40
C ILE B 367 -25.29 37.73 -18.73
N GLN B 368 -25.52 38.98 -18.29
CA GLN B 368 -26.64 39.81 -18.73
C GLN B 368 -27.01 39.56 -20.17
N ASP B 369 -25.98 39.52 -21.02
CA ASP B 369 -26.13 39.25 -22.42
C ASP B 369 -26.58 37.84 -22.74
N PHE B 370 -25.98 36.83 -22.08
CA PHE B 370 -26.42 35.43 -22.26
C PHE B 370 -27.87 35.31 -21.81
N MET B 371 -28.15 35.85 -20.62
CA MET B 371 -29.52 35.96 -20.12
C MET B 371 -30.47 36.41 -21.21
N ARG B 372 -30.10 37.51 -21.86
CA ARG B 372 -30.91 38.13 -22.89
C ARG B 372 -31.18 37.15 -24.05
N GLN B 373 -30.16 36.41 -24.49
CA GLN B 373 -30.30 35.59 -25.69
C GLN B 373 -31.07 34.33 -25.42
N LYS B 374 -31.02 33.87 -24.17
CA LYS B 374 -31.67 32.65 -23.76
C LYS B 374 -33.02 33.00 -23.14
N GLY B 375 -33.34 34.30 -23.18
CA GLY B 375 -34.59 34.87 -22.67
C GLY B 375 -34.93 34.39 -21.28
N PHE B 376 -33.94 34.34 -20.41
CA PHE B 376 -34.18 33.90 -19.03
C PHE B 376 -34.62 35.06 -18.19
N GLY B 377 -34.90 36.21 -18.81
CA GLY B 377 -35.22 37.39 -18.05
C GLY B 377 -34.16 37.56 -16.95
N THR B 378 -34.61 37.58 -15.71
CA THR B 378 -33.69 37.66 -14.56
C THR B 378 -33.84 36.55 -13.51
N ASP B 379 -34.38 35.41 -13.94
CA ASP B 379 -34.37 34.15 -13.20
C ASP B 379 -33.02 33.44 -13.38
N PHE B 380 -32.10 33.62 -12.44
CA PHE B 380 -30.82 32.92 -12.51
C PHE B 380 -30.85 31.42 -12.22
N LYS B 381 -31.98 30.95 -11.69
CA LYS B 381 -32.28 29.52 -11.53
C LYS B 381 -32.31 28.85 -12.89
N LYS B 382 -32.88 29.57 -13.86
CA LYS B 382 -32.95 29.09 -15.22
C LYS B 382 -31.56 28.84 -15.74
N LEU B 383 -30.64 29.72 -15.35
CA LEU B 383 -29.26 29.68 -15.84
C LEU B 383 -28.48 28.53 -15.17
N GLU B 384 -28.73 28.38 -13.88
CA GLU B 384 -28.21 27.29 -13.10
C GLU B 384 -28.66 25.93 -13.67
N SER B 385 -29.92 25.83 -14.06
CA SER B 385 -30.47 24.60 -14.63
C SER B 385 -29.76 24.27 -15.93
N PHE B 386 -29.52 25.33 -16.71
CA PHE B 386 -28.82 25.23 -17.96
C PHE B 386 -27.46 24.58 -17.78
N TYR B 387 -26.66 25.13 -16.88
CA TYR B 387 -25.33 24.63 -16.64
C TYR B 387 -25.36 23.16 -16.20
N ILE B 388 -26.15 22.94 -15.13
CA ILE B 388 -26.21 21.63 -14.48
C ILE B 388 -26.69 20.54 -15.43
N GLN B 389 -27.61 20.88 -16.33
CA GLN B 389 -28.07 19.94 -17.30
C GLN B 389 -26.96 19.46 -18.18
N LYS B 390 -26.10 20.38 -18.59
CA LYS B 390 -25.02 20.05 -19.52
C LYS B 390 -24.04 19.09 -18.80
N VAL B 391 -23.77 19.37 -17.51
CA VAL B 391 -22.95 18.51 -16.67
C VAL B 391 -23.57 17.10 -16.48
N LEU B 392 -24.87 17.05 -16.24
CA LEU B 392 -25.56 15.77 -16.14
C LEU B 392 -25.45 14.91 -17.41
N ASP B 393 -25.48 15.56 -18.57
CA ASP B 393 -25.38 14.84 -19.83
C ASP B 393 -23.95 14.38 -20.09
N ILE B 394 -22.97 15.16 -19.61
CA ILE B 394 -21.55 14.75 -19.72
C ILE B 394 -21.31 13.43 -18.98
N ILE B 395 -21.80 13.37 -17.74
CA ILE B 395 -21.79 12.17 -16.90
C ILE B 395 -22.58 11.00 -17.54
N ALA B 396 -23.80 11.28 -18.01
CA ALA B 396 -24.57 10.25 -18.69
C ALA B 396 -23.71 9.70 -19.83
N THR B 397 -23.24 10.60 -20.70
CA THR B 397 -22.37 10.31 -21.83
C THR B 397 -21.27 9.30 -21.56
N ILE B 398 -20.57 9.45 -20.43
CA ILE B 398 -19.51 8.52 -20.00
C ILE B 398 -20.02 7.37 -19.10
N ASN B 399 -21.33 7.12 -19.10
CA ASN B 399 -21.95 5.96 -18.47
C ASN B 399 -21.86 5.77 -17.00
N LYS B 400 -21.86 6.86 -16.25
CA LYS B 400 -21.90 6.79 -14.80
C LYS B 400 -23.23 7.42 -14.38
N GLY B 401 -23.65 7.21 -13.13
CA GLY B 401 -24.86 7.84 -12.66
C GLY B 401 -24.45 9.10 -11.95
N SER B 402 -25.41 10.01 -11.70
CA SER B 402 -25.13 11.25 -10.99
C SER B 402 -25.76 11.31 -9.61
N ILE B 403 -25.08 11.95 -8.65
CA ILE B 403 -25.72 12.35 -7.40
C ILE B 403 -25.65 13.87 -7.27
N VAL B 404 -26.68 14.45 -6.67
CA VAL B 404 -26.88 15.86 -6.77
C VAL B 404 -27.47 16.35 -5.43
N TRP B 405 -27.03 17.47 -4.91
CA TRP B 405 -27.73 18.03 -3.73
C TRP B 405 -29.12 18.50 -4.15
N GLN B 406 -30.06 18.64 -3.22
CA GLN B 406 -31.50 18.90 -3.57
C GLN B 406 -31.82 20.09 -4.50
N GLU B 407 -31.04 21.17 -4.45
CA GLU B 407 -31.34 22.34 -5.29
C GLU B 407 -31.43 22.04 -6.78
N VAL B 408 -30.50 21.24 -7.28
CA VAL B 408 -30.58 20.80 -8.65
C VAL B 408 -31.99 20.32 -8.98
N PHE B 409 -32.65 19.66 -8.04
CA PHE B 409 -33.96 19.06 -8.30
C PHE B 409 -35.06 20.08 -8.09
N ASP B 410 -34.96 20.83 -7.00
CA ASP B 410 -35.88 21.91 -6.69
C ASP B 410 -35.99 22.91 -7.85
N ASP B 411 -34.84 23.42 -8.31
CA ASP B 411 -34.77 24.39 -9.42
C ASP B 411 -34.99 23.70 -10.78
N LYS B 412 -35.78 22.63 -10.74
CA LYS B 412 -36.51 22.12 -11.90
C LYS B 412 -35.63 21.61 -13.07
N ALA B 413 -34.37 21.26 -12.81
CA ALA B 413 -33.53 20.58 -13.80
C ALA B 413 -34.12 19.23 -14.23
N LYS B 414 -33.67 18.67 -15.34
CA LYS B 414 -34.26 17.43 -15.89
C LYS B 414 -33.40 16.14 -15.72
N LEU B 415 -33.56 15.48 -14.58
CA LEU B 415 -32.64 14.42 -14.16
C LEU B 415 -32.88 13.12 -14.91
N ALA B 416 -31.83 12.48 -15.38
CA ALA B 416 -31.94 11.17 -16.04
C ALA B 416 -32.56 10.13 -15.07
N PRO B 417 -33.16 9.06 -15.63
CA PRO B 417 -33.67 8.03 -14.75
C PRO B 417 -32.52 7.49 -13.91
N GLY B 418 -32.70 7.45 -12.59
CA GLY B 418 -31.69 6.85 -11.69
C GLY B 418 -30.85 7.83 -10.89
N THR B 419 -30.78 9.09 -11.33
CA THR B 419 -30.10 10.15 -10.58
C THR B 419 -30.48 10.04 -9.10
N ILE B 420 -29.51 10.23 -8.21
CA ILE B 420 -29.80 10.28 -6.79
C ILE B 420 -29.83 11.72 -6.35
N VAL B 421 -30.93 12.06 -5.69
CA VAL B 421 -31.01 13.33 -4.98
C VAL B 421 -30.59 13.13 -3.53
N GLU B 422 -29.91 14.13 -2.98
CA GLU B 422 -29.50 14.08 -1.60
C GLU B 422 -30.19 15.20 -0.88
N VAL B 423 -31.01 14.86 0.09
CA VAL B 423 -31.70 15.88 0.84
C VAL B 423 -30.83 16.30 2.05
N TRP B 424 -30.56 17.59 2.11
CA TRP B 424 -29.60 18.10 3.05
C TRP B 424 -30.14 19.32 3.76
N LYS B 425 -31.22 19.90 3.24
CA LYS B 425 -31.79 21.06 3.89
C LYS B 425 -32.82 20.72 4.97
N ASP B 426 -32.48 21.17 6.17
CA ASP B 426 -33.15 20.83 7.40
C ASP B 426 -34.54 21.41 7.60
N SER B 427 -35.01 22.20 6.63
CA SER B 427 -36.36 22.80 6.64
C SER B 427 -37.43 21.90 6.04
N ALA B 428 -38.24 21.28 6.90
CA ALA B 428 -39.34 20.41 6.45
C ALA B 428 -38.85 19.47 5.36
N TYR B 429 -37.87 18.64 5.77
CA TYR B 429 -37.25 17.70 4.85
C TYR B 429 -38.15 16.50 4.51
N PRO B 430 -39.08 16.11 5.43
CA PRO B 430 -39.93 14.99 5.07
C PRO B 430 -40.70 15.26 3.80
N GLU B 431 -41.17 16.47 3.65
CA GLU B 431 -41.86 16.87 2.41
C GLU B 431 -40.95 16.87 1.16
N GLU B 432 -39.66 17.22 1.34
CA GLU B 432 -38.64 17.07 0.27
C GLU B 432 -38.52 15.62 -0.18
N LEU B 433 -38.32 14.74 0.81
CA LEU B 433 -38.27 13.33 0.59
C LEU B 433 -39.52 12.89 -0.13
N SER B 434 -40.64 13.49 0.26
CA SER B 434 -41.89 13.20 -0.40
C SER B 434 -41.88 13.54 -1.90
N ARG B 435 -41.66 14.82 -2.20
CA ARG B 435 -41.59 15.31 -3.59
C ARG B 435 -40.63 14.49 -4.48
N VAL B 436 -39.42 14.26 -3.98
CA VAL B 436 -38.36 13.64 -4.77
C VAL B 436 -38.75 12.24 -5.20
N THR B 437 -39.36 11.53 -4.27
CA THR B 437 -39.75 10.15 -4.49
C THR B 437 -41.04 10.05 -5.27
N ALA B 438 -41.89 11.07 -5.13
CA ALA B 438 -43.03 11.28 -6.04
C ALA B 438 -42.56 11.37 -7.50
N SER B 439 -41.57 12.24 -7.78
CA SER B 439 -40.93 12.31 -9.09
C SER B 439 -40.22 11.05 -9.62
N GLY B 440 -40.30 9.95 -8.86
CA GLY B 440 -39.66 8.70 -9.23
C GLY B 440 -38.13 8.58 -9.10
N PHE B 441 -37.46 9.57 -8.50
CA PHE B 441 -36.00 9.48 -8.34
C PHE B 441 -35.61 8.93 -6.97
N PRO B 442 -34.55 8.08 -6.90
CA PRO B 442 -33.88 7.68 -5.65
C PRO B 442 -33.41 8.85 -4.75
N VAL B 443 -33.51 8.63 -3.43
CA VAL B 443 -33.21 9.67 -2.47
C VAL B 443 -32.28 9.19 -1.35
N ILE B 444 -31.40 10.09 -0.93
CA ILE B 444 -30.48 9.88 0.17
C ILE B 444 -30.71 11.02 1.17
N LEU B 445 -30.74 10.71 2.45
CA LEU B 445 -30.98 11.75 3.45
C LEU B 445 -29.76 12.05 4.27
N SER B 446 -29.43 13.33 4.39
CA SER B 446 -28.41 13.75 5.35
C SER B 446 -28.83 14.94 6.26
N ALA B 447 -29.91 15.64 5.91
CA ALA B 447 -30.37 16.82 6.61
C ALA B 447 -30.32 16.80 8.17
N PRO B 448 -30.79 15.70 8.83
CA PRO B 448 -30.65 15.71 10.30
C PRO B 448 -29.28 15.22 10.82
N TRP B 449 -28.31 15.04 9.94
CA TRP B 449 -27.13 14.25 10.31
C TRP B 449 -25.81 14.98 10.10
N TYR B 450 -25.85 16.27 10.42
CA TYR B 450 -24.70 17.13 10.24
C TYR B 450 -23.83 17.13 11.47
N LEU B 451 -22.88 16.22 11.50
CA LEU B 451 -22.04 16.06 12.68
C LEU B 451 -21.10 17.25 12.90
N ASP B 452 -20.95 18.12 11.91
CA ASP B 452 -20.15 19.28 12.18
C ASP B 452 -20.90 20.29 13.06
N LEU B 453 -22.23 20.24 13.06
CA LEU B 453 -23.01 21.12 13.94
C LEU B 453 -23.04 20.59 15.36
N ILE B 454 -21.89 20.63 16.03
CA ILE B 454 -21.72 20.20 17.43
C ILE B 454 -22.54 21.07 18.41
N SER B 455 -22.79 20.50 19.60
CA SER B 455 -23.64 21.05 20.68
C SER B 455 -23.39 20.27 22.02
N TYR B 456 -23.64 20.95 23.13
CA TYR B 456 -23.40 20.36 24.43
C TYR B 456 -24.16 19.04 24.72
N GLY B 457 -23.46 18.04 25.23
CA GLY B 457 -24.18 16.91 25.77
C GLY B 457 -24.47 15.82 24.77
N GLN B 458 -25.29 14.87 25.21
CA GLN B 458 -25.56 13.63 24.51
C GLN B 458 -26.34 13.78 23.21
N ASP B 459 -25.80 14.51 22.24
CA ASP B 459 -26.51 14.71 20.97
C ASP B 459 -26.68 13.46 20.06
N TRP B 460 -25.98 12.37 20.39
CA TRP B 460 -26.15 11.17 19.60
C TRP B 460 -27.59 10.63 19.71
N ARG B 461 -28.27 10.96 20.82
CA ARG B 461 -29.65 10.51 21.00
C ARG B 461 -30.57 11.13 19.92
N LYS B 462 -30.30 12.39 19.61
CA LYS B 462 -31.02 13.13 18.61
C LYS B 462 -30.78 12.49 17.25
N TYR B 463 -29.51 12.16 16.96
CA TYR B 463 -29.24 11.48 15.68
C TYR B 463 -29.94 10.12 15.60
N TYR B 464 -29.69 9.28 16.60
CA TYR B 464 -30.30 7.96 16.77
C TYR B 464 -31.81 7.94 16.63
N LYS B 465 -32.50 8.93 17.24
CA LYS B 465 -33.98 9.01 17.23
C LYS B 465 -34.63 9.29 15.88
N VAL B 466 -33.93 9.88 14.92
CA VAL B 466 -34.47 10.05 13.56
C VAL B 466 -35.10 8.77 12.97
N GLU B 467 -36.29 8.86 12.40
CA GLU B 467 -36.82 7.75 11.61
C GLU B 467 -36.91 8.15 10.11
N PRO B 468 -36.01 7.61 9.28
CA PRO B 468 -36.02 8.22 7.95
C PRO B 468 -37.32 8.01 7.17
N LEU B 469 -38.13 7.03 7.50
CA LEU B 469 -39.28 6.77 6.63
C LEU B 469 -40.58 7.55 6.94
N ASP B 470 -40.61 8.26 8.07
CA ASP B 470 -41.68 9.21 8.39
C ASP B 470 -41.74 10.40 7.44
N PHE B 471 -42.19 10.14 6.21
CA PHE B 471 -42.59 11.19 5.30
C PHE B 471 -43.81 10.62 4.62
N GLY B 472 -44.60 11.44 3.92
CA GLY B 472 -45.80 10.93 3.27
C GLY B 472 -45.44 10.25 1.96
N GLY B 473 -45.88 9.01 1.75
CA GLY B 473 -45.64 8.33 0.47
C GLY B 473 -46.19 6.93 0.32
N THR B 474 -46.51 6.53 -0.91
CA THR B 474 -46.98 5.17 -1.22
C THR B 474 -45.85 4.17 -0.97
N GLN B 475 -46.18 2.87 -0.95
CA GLN B 475 -45.17 1.79 -0.92
C GLN B 475 -44.00 2.05 -1.85
N LYS B 476 -44.24 1.90 -3.15
CA LYS B 476 -43.21 2.05 -4.16
C LYS B 476 -42.47 3.37 -4.02
N GLN B 477 -43.15 4.41 -3.53
CA GLN B 477 -42.49 5.69 -3.27
C GLN B 477 -41.35 5.47 -2.27
N LYS B 478 -41.66 4.81 -1.18
CA LYS B 478 -40.70 4.63 -0.12
C LYS B 478 -39.55 3.72 -0.44
N GLN B 479 -39.78 2.69 -1.27
CA GLN B 479 -38.69 1.82 -1.74
C GLN B 479 -37.62 2.65 -2.45
N LEU B 480 -37.91 3.89 -2.82
CA LEU B 480 -36.89 4.70 -3.46
C LEU B 480 -35.95 5.41 -2.48
N PHE B 481 -36.18 5.26 -1.18
CA PHE B 481 -35.34 5.87 -0.19
C PHE B 481 -34.27 4.88 0.09
N ILE B 482 -33.05 5.17 -0.37
CA ILE B 482 -31.98 4.19 -0.28
C ILE B 482 -30.95 4.43 0.82
N GLY B 483 -31.10 5.50 1.58
CA GLY B 483 -30.30 5.65 2.78
C GLY B 483 -29.93 7.05 3.15
N GLY B 484 -28.82 7.17 3.84
CA GLY B 484 -28.34 8.45 4.26
C GLY B 484 -26.86 8.44 4.54
N GLU B 485 -26.42 9.58 5.08
CA GLU B 485 -25.02 9.88 5.33
C GLU B 485 -24.91 10.76 6.53
N ALA B 486 -23.89 10.50 7.37
CA ALA B 486 -23.53 11.42 8.44
C ALA B 486 -22.49 12.39 7.85
N CYS B 487 -22.53 13.68 8.27
CA CYS B 487 -21.74 14.68 7.56
C CYS B 487 -20.77 15.38 8.52
N LEU B 488 -19.56 15.33 8.04
CA LEU B 488 -18.59 16.09 8.72
C LEU B 488 -17.92 17.05 7.76
N TRP B 489 -18.50 18.24 7.64
CA TRP B 489 -17.89 19.33 6.95
C TRP B 489 -16.65 19.83 7.69
N GLY B 490 -15.71 20.41 6.94
CA GLY B 490 -14.37 20.67 7.42
C GLY B 490 -13.95 22.07 7.80
N GLU B 491 -14.89 23.02 7.78
CA GLU B 491 -14.54 24.40 8.12
C GLU B 491 -13.83 24.43 9.48
N TYR B 492 -14.29 23.54 10.36
CA TYR B 492 -13.77 23.49 11.72
C TYR B 492 -13.07 22.18 12.08
N VAL B 493 -12.93 21.28 11.11
CA VAL B 493 -12.31 19.96 11.37
C VAL B 493 -10.95 19.75 10.71
N ASP B 494 -9.96 19.25 11.44
CA ASP B 494 -8.77 18.68 10.79
C ASP B 494 -8.23 17.39 11.47
N ALA B 495 -7.04 16.92 11.12
CA ALA B 495 -6.49 15.78 11.90
C ALA B 495 -6.51 15.91 13.47
N THR B 496 -6.53 17.14 14.00
CA THR B 496 -6.39 17.31 15.46
C THR B 496 -7.70 17.04 16.16
N ASN B 497 -8.81 17.25 15.47
CA ASN B 497 -10.08 16.95 16.09
C ASN B 497 -11.01 16.04 15.33
N LEU B 498 -10.57 15.44 14.24
CA LEU B 498 -11.55 14.79 13.35
C LEU B 498 -12.27 13.60 13.97
N THR B 499 -11.47 12.72 14.54
CA THR B 499 -11.92 11.45 15.03
C THR B 499 -12.83 11.52 16.24
N PRO B 500 -12.41 12.26 17.28
CA PRO B 500 -13.36 12.33 18.40
C PRO B 500 -14.60 13.10 18.00
N ARG B 501 -14.54 13.93 16.97
CA ARG B 501 -15.76 14.63 16.64
C ARG B 501 -16.77 13.67 16.01
N LEU B 502 -16.26 12.80 15.13
CA LEU B 502 -17.08 11.83 14.40
C LEU B 502 -17.60 10.79 15.35
N TRP B 503 -16.72 10.08 16.06
CA TRP B 503 -17.12 8.88 16.80
C TRP B 503 -17.21 9.17 18.26
N PRO B 504 -18.28 8.66 18.95
CA PRO B 504 -19.25 7.66 18.44
C PRO B 504 -20.47 8.22 17.78
N ARG B 505 -20.51 9.53 17.53
CA ARG B 505 -21.77 10.12 17.13
C ARG B 505 -22.19 9.55 15.82
N ALA B 506 -21.25 9.35 14.91
CA ALA B 506 -21.67 8.80 13.64
C ALA B 506 -22.27 7.41 13.84
N SER B 507 -21.83 6.73 14.89
CA SER B 507 -22.29 5.35 15.19
C SER B 507 -23.77 5.31 15.36
N ALA B 508 -24.33 6.42 15.87
CA ALA B 508 -25.75 6.56 16.11
C ALA B 508 -26.46 6.48 14.76
N VAL B 509 -25.93 7.19 13.75
CA VAL B 509 -26.53 7.21 12.42
C VAL B 509 -26.32 5.84 11.81
N GLY B 510 -25.14 5.27 12.11
CA GLY B 510 -24.81 3.93 11.63
C GLY B 510 -25.88 2.88 11.90
N GLU B 511 -26.28 2.78 13.18
CA GLU B 511 -27.21 1.77 13.59
C GLU B 511 -28.56 2.04 12.98
N ARG B 512 -28.98 3.30 13.04
CA ARG B 512 -30.23 3.68 12.43
C ARG B 512 -30.29 3.24 10.96
N LEU B 513 -29.18 3.32 10.24
CA LEU B 513 -29.17 2.97 8.85
C LEU B 513 -28.96 1.49 8.59
N TRP B 514 -28.52 0.72 9.59
CA TRP B 514 -28.36 -0.74 9.40
C TRP B 514 -29.47 -1.59 10.04
N SER B 515 -29.81 -1.26 11.28
CA SER B 515 -30.80 -2.00 12.05
C SER B 515 -32.30 -1.79 11.66
N SER B 516 -33.18 -2.59 12.28
CA SER B 516 -34.62 -2.47 12.06
C SER B 516 -35.21 -1.15 12.50
N LYS B 517 -36.29 -0.80 11.78
CA LYS B 517 -37.16 0.33 12.09
C LYS B 517 -37.35 0.46 13.61
N ASP B 518 -37.62 -0.67 14.26
CA ASP B 518 -38.10 -0.68 15.63
C ASP B 518 -37.02 -0.98 16.66
N VAL B 519 -35.76 -0.99 16.22
CA VAL B 519 -34.64 -0.98 17.18
C VAL B 519 -34.52 0.47 17.65
N ARG B 520 -35.20 0.82 18.73
CA ARG B 520 -35.03 2.17 19.29
C ARG B 520 -35.03 2.35 20.81
N ASP B 521 -35.05 1.28 21.61
CA ASP B 521 -34.90 1.46 23.05
C ASP B 521 -33.64 2.24 23.42
N MET B 522 -33.84 3.41 24.04
CA MET B 522 -32.76 4.33 24.44
C MET B 522 -31.77 3.70 25.37
N ASP B 523 -32.26 3.01 26.40
CA ASP B 523 -31.34 2.47 27.42
C ASP B 523 -30.40 1.40 26.91
N ASP B 524 -30.88 0.64 25.94
CA ASP B 524 -30.11 -0.45 25.37
C ASP B 524 -29.08 0.08 24.40
N ALA B 525 -29.48 1.08 23.58
CA ALA B 525 -28.55 1.84 22.75
C ALA B 525 -27.42 2.41 23.63
N TYR B 526 -27.75 3.17 24.65
CA TYR B 526 -26.72 3.71 25.56
C TYR B 526 -25.73 2.65 26.06
N ASP B 527 -26.27 1.62 26.67
CA ASP B 527 -25.51 0.45 27.09
C ASP B 527 -24.54 -0.11 25.99
N ARG B 528 -25.10 -0.70 24.93
CA ARG B 528 -24.33 -1.12 23.77
C ARG B 528 -23.34 -0.03 23.22
N LEU B 529 -23.86 1.13 22.81
CA LEU B 529 -23.00 2.20 22.31
C LEU B 529 -21.80 2.54 23.20
N THR B 530 -22.02 2.74 24.51
CA THR B 530 -20.92 3.09 25.44
C THR B 530 -19.83 2.02 25.41
N ARG B 531 -20.26 0.77 25.25
CA ARG B 531 -19.37 -0.36 25.16
C ARG B 531 -18.73 -0.42 23.80
N HIS B 532 -19.55 -0.23 22.78
CA HIS B 532 -19.07 -0.23 21.40
C HIS B 532 -17.98 0.84 21.27
N ARG B 533 -18.18 1.98 21.92
CA ARG B 533 -17.16 3.00 21.95
C ARG B 533 -15.84 2.51 22.55
N CYS B 534 -15.91 1.72 23.60
CA CYS B 534 -14.68 1.30 24.25
C CYS B 534 -13.85 0.43 23.36
N ARG B 535 -14.54 -0.50 22.71
CA ARG B 535 -13.95 -1.32 21.72
C ARG B 535 -13.24 -0.45 20.64
N MET B 536 -13.95 0.58 20.12
CA MET B 536 -13.31 1.58 19.25
C MET B 536 -12.01 2.21 19.84
N VAL B 537 -12.08 2.72 21.06
CA VAL B 537 -10.87 3.22 21.68
C VAL B 537 -9.83 2.10 21.67
N GLU B 538 -10.22 0.92 22.17
CA GLU B 538 -9.34 -0.24 22.11
C GLU B 538 -8.73 -0.51 20.76
N ARG B 539 -9.48 -0.51 19.67
CA ARG B 539 -8.83 -0.67 18.36
C ARG B 539 -8.10 0.56 17.76
N GLY B 540 -7.83 1.61 18.56
CA GLY B 540 -7.05 2.74 18.09
C GLY B 540 -7.86 3.90 17.52
N ILE B 541 -9.16 3.91 17.77
CA ILE B 541 -9.96 5.04 17.34
C ILE B 541 -10.26 5.95 18.55
N ALA B 542 -9.76 7.18 18.54
CA ALA B 542 -9.96 8.06 19.66
C ALA B 542 -11.40 8.60 19.67
N ALA B 543 -12.36 7.70 19.86
CA ALA B 543 -13.74 8.03 19.93
C ALA B 543 -14.05 8.64 21.30
N GLN B 544 -14.77 9.78 21.31
CA GLN B 544 -14.98 10.53 22.54
C GLN B 544 -16.07 9.94 23.42
N PRO B 545 -16.08 10.29 24.69
CA PRO B 545 -17.03 9.63 25.58
C PRO B 545 -18.48 10.00 25.25
N LEU B 546 -19.43 9.30 25.85
CA LEU B 546 -20.87 9.53 25.71
C LEU B 546 -21.37 10.33 26.90
N TYR B 547 -20.83 10.01 28.08
CA TYR B 547 -21.12 10.65 29.37
C TYR B 547 -20.00 10.24 30.32
N ALA B 548 -20.16 10.48 31.62
CA ALA B 548 -19.18 10.11 32.63
C ALA B 548 -18.93 8.58 32.72
N GLY B 549 -17.73 8.14 33.15
CA GLY B 549 -17.38 6.69 33.19
C GLY B 549 -15.95 6.35 32.82
N TYR B 550 -15.68 5.08 32.52
CA TYR B 550 -14.31 4.64 32.22
C TYR B 550 -14.28 3.42 31.28
N CYS B 551 -13.11 2.97 30.83
CA CYS B 551 -13.09 1.62 30.22
C CYS B 551 -12.37 0.48 30.98
N ASN B 552 -12.97 -0.71 30.81
CA ASN B 552 -12.46 -2.07 31.20
C ASN B 552 -13.33 -2.73 32.28
#